data_4DLK
#
_entry.id   4DLK
#
_cell.length_a   57.368
_cell.length_b   84.476
_cell.length_c   167.269
_cell.angle_alpha   90.000
_cell.angle_beta   90.000
_cell.angle_gamma   90.000
#
_symmetry.space_group_name_H-M   'P 21 21 21'
#
loop_
_entity.id
_entity.type
_entity.pdbx_description
1 polymer 'Phosphoribosylaminoimidazole carboxylase, ATPase subunit'
2 non-polymer 'CALCIUM ION'
3 non-polymer "ADENOSINE-5'-TRIPHOSPHATE"
4 non-polymer 'PHOSPHATE ION'
5 water water
#
_entity_poly.entity_id   1
_entity_poly.type   'polypeptide(L)'
_entity_poly.pdbx_seq_one_letter_code
;MTRIILPGKTIGIIGGGQLGRMMALAAKEMGYKIAVLDPTKNSPCAQVADIEIVASYDDLKAIQHLAEISDVVTYEFENI
DYRCLQWLEKHAYLPQGSQLLSKTQNRFTEKNAIEKAGLPVATYRLVQNQEQLTEAIAELSYPSVLKTTTGGYDGKGQVV
LRSEADVDEARKLANAAECILEKWVPFEKEVSVIVIRSVSGETKVFPVAENIHVNNILHESIVPARITEELSQKAIAYAK
VLADELELVGTLAVEMFATADGEIYINELAPRPHNSGHYTQDACETSQFGQHIRAICNLPLGETNLLKPVVMVNILGEHI
EGVLRQVNRLTGCYLHLYGKEEAKAQRKMGHVNILNDNIEVALEKAKSLHIWDHQEQLLE
;
_entity_poly.pdbx_strand_id   A,B
#
loop_
_chem_comp.id
_chem_comp.type
_chem_comp.name
_chem_comp.formula
ATP non-polymer ADENOSINE-5'-TRIPHOSPHATE 'C10 H16 N5 O13 P3'
CA non-polymer 'CALCIUM ION' 'Ca 2'
PO4 non-polymer 'PHOSPHATE ION' 'O4 P -3'
#
# COMPACT_ATOMS: atom_id res chain seq x y z
N MET A 1 6.68 10.68 25.32
CA MET A 1 5.61 11.72 25.22
C MET A 1 4.28 11.13 24.76
N THR A 2 3.23 11.95 24.85
CA THR A 2 1.93 11.62 24.30
C THR A 2 1.63 12.55 23.12
N ARG A 3 2.66 13.24 22.62
CA ARG A 3 2.57 14.12 21.45
C ARG A 3 2.20 13.33 20.19
N ILE A 4 1.10 13.71 19.55
CA ILE A 4 0.60 13.02 18.36
C ILE A 4 0.61 13.94 17.15
N ILE A 5 1.09 13.42 16.02
CA ILE A 5 0.99 14.12 14.75
C ILE A 5 -0.18 13.51 13.97
N LEU A 6 -1.26 14.26 13.85
CA LEU A 6 -2.52 13.77 13.26
C LEU A 6 -2.50 13.78 11.73
N PRO A 7 -3.18 12.81 11.10
CA PRO A 7 -3.46 12.85 9.67
C PRO A 7 -3.90 14.24 9.24
N GLY A 8 -3.42 14.70 8.09
CA GLY A 8 -3.67 16.06 7.66
C GLY A 8 -2.46 16.97 7.84
N LYS A 9 -1.60 16.64 8.79
CA LYS A 9 -0.35 17.39 9.02
C LYS A 9 0.71 17.03 7.96
N THR A 10 1.80 17.80 7.92
CA THR A 10 2.90 17.55 6.98
C THR A 10 4.09 16.81 7.61
N ILE A 11 4.48 15.73 6.97
CA ILE A 11 5.70 14.99 7.32
C ILE A 11 6.82 15.42 6.37
N GLY A 12 7.90 15.92 6.96
CA GLY A 12 9.08 16.34 6.21
C GLY A 12 10.10 15.23 6.20
N ILE A 13 10.68 14.96 5.04
CA ILE A 13 11.64 13.88 4.91
C ILE A 13 12.95 14.41 4.34
N ILE A 14 14.04 14.16 5.08
CA ILE A 14 15.39 14.48 4.62
C ILE A 14 15.93 13.30 3.83
N GLY A 15 16.03 13.48 2.52
CA GLY A 15 16.44 12.45 1.59
C GLY A 15 15.28 12.01 0.72
N GLY A 16 15.45 12.07 -0.60
CA GLY A 16 14.36 11.78 -1.52
C GLY A 16 14.45 10.49 -2.32
N GLY A 17 15.27 9.54 -1.85
CA GLY A 17 15.44 8.25 -2.51
C GLY A 17 14.22 7.34 -2.37
N GLN A 18 14.38 6.08 -2.77
CA GLN A 18 13.27 5.12 -2.74
C GLN A 18 12.69 4.88 -1.35
N LEU A 19 13.51 5.03 -0.32
CA LEU A 19 13.02 4.83 1.05
C LEU A 19 12.09 5.96 1.43
N GLY A 20 12.47 7.19 1.09
CA GLY A 20 11.61 8.35 1.24
C GLY A 20 10.31 8.20 0.48
N ARG A 21 10.41 7.78 -0.79
CA ARG A 21 9.22 7.60 -1.61
C ARG A 21 8.21 6.64 -0.97
N MET A 22 8.70 5.51 -0.49
CA MET A 22 7.82 4.50 0.12
C MET A 22 7.24 4.92 1.47
N MET A 23 8.03 5.67 2.26
CA MET A 23 7.49 6.39 3.42
C MET A 23 6.33 7.29 3.01
N ALA A 24 6.56 8.10 1.96
CA ALA A 24 5.57 9.09 1.51
C ALA A 24 4.30 8.41 1.05
N LEU A 25 4.44 7.30 0.33
CA LEU A 25 3.26 6.57 -0.17
C LEU A 25 2.41 6.04 0.97
N ALA A 26 3.06 5.43 1.96
CA ALA A 26 2.36 4.90 3.14
C ALA A 26 1.69 6.04 3.93
N ALA A 27 2.38 7.18 4.04
CA ALA A 27 1.81 8.32 4.74
C ALA A 27 0.61 8.92 4.02
N LYS A 28 0.66 8.95 2.69
CA LYS A 28 -0.46 9.44 1.87
C LYS A 28 -1.75 8.63 2.08
N GLU A 29 -1.63 7.31 2.15
CA GLU A 29 -2.78 6.46 2.45
C GLU A 29 -3.51 6.95 3.71
N MET A 30 -2.75 7.42 4.69
CA MET A 30 -3.31 7.87 5.96
C MET A 30 -3.69 9.34 6.01
N GLY A 31 -3.57 10.03 4.88
CA GLY A 31 -4.02 11.40 4.76
C GLY A 31 -2.99 12.45 5.16
N TYR A 32 -1.71 12.07 5.22
CA TYR A 32 -0.64 13.02 5.54
C TYR A 32 -0.19 13.75 4.28
N LYS A 33 0.26 14.99 4.46
CA LYS A 33 0.97 15.71 3.40
C LYS A 33 2.47 15.44 3.55
N ILE A 34 3.22 15.58 2.46
CA ILE A 34 4.65 15.24 2.46
C ILE A 34 5.49 16.37 1.90
N ALA A 35 6.52 16.77 2.64
CA ALA A 35 7.57 17.63 2.10
C ALA A 35 8.89 16.87 2.09
N VAL A 36 9.72 17.13 1.07
CA VAL A 36 10.99 16.44 0.94
C VAL A 36 12.14 17.39 0.58
N LEU A 37 13.29 17.15 1.20
CA LEU A 37 14.54 17.80 0.82
C LEU A 37 15.47 16.77 0.19
N ASP A 38 16.02 17.11 -0.98
CA ASP A 38 16.95 16.24 -1.71
C ASP A 38 17.78 17.15 -2.62
N PRO A 39 19.08 16.84 -2.83
CA PRO A 39 19.91 17.71 -3.67
C PRO A 39 19.62 17.66 -5.17
N THR A 40 18.87 16.66 -5.62
CA THR A 40 18.51 16.56 -7.04
C THR A 40 17.00 16.69 -7.25
N LYS A 41 16.64 17.45 -8.29
CA LYS A 41 15.25 17.64 -8.71
C LYS A 41 14.62 16.32 -9.13
N ASN A 42 13.30 16.20 -8.93
CA ASN A 42 12.51 15.04 -9.37
C ASN A 42 12.98 13.69 -8.78
N SER A 43 13.44 13.71 -7.54
CA SER A 43 13.77 12.48 -6.82
C SER A 43 12.55 11.54 -6.73
N PRO A 44 12.78 10.23 -6.50
CA PRO A 44 11.66 9.29 -6.27
C PRO A 44 10.63 9.78 -5.24
N CYS A 45 11.10 10.42 -4.18
CA CYS A 45 10.18 10.91 -3.15
C CYS A 45 9.44 12.17 -3.60
N ALA A 46 10.15 13.06 -4.29
CA ALA A 46 9.53 14.28 -4.84
C ALA A 46 8.35 14.00 -5.77
N GLN A 47 8.41 12.87 -6.47
CA GLN A 47 7.32 12.46 -7.37
C GLN A 47 6.03 12.13 -6.62
N VAL A 48 6.11 12.01 -5.30
CA VAL A 48 4.97 11.65 -4.46
C VAL A 48 4.67 12.80 -3.47
N ALA A 49 5.66 13.68 -3.28
CA ALA A 49 5.58 14.76 -2.29
C ALA A 49 4.70 15.94 -2.73
N ASP A 50 4.10 16.63 -1.77
CA ASP A 50 3.37 17.87 -2.02
C ASP A 50 4.32 19.05 -2.19
N ILE A 51 5.43 19.04 -1.46
CA ILE A 51 6.42 20.13 -1.50
C ILE A 51 7.81 19.52 -1.68
N GLU A 52 8.62 20.13 -2.54
CA GLU A 52 9.97 19.67 -2.83
C GLU A 52 10.97 20.81 -2.62
N ILE A 53 12.01 20.56 -1.82
CA ILE A 53 13.09 21.54 -1.62
C ILE A 53 14.38 20.95 -2.16
N VAL A 54 14.93 21.59 -3.20
CA VAL A 54 16.18 21.12 -3.82
C VAL A 54 17.38 21.82 -3.19
N ALA A 55 18.16 21.06 -2.41
CA ALA A 55 19.33 21.60 -1.70
C ALA A 55 20.24 20.52 -1.13
N SER A 56 21.50 20.88 -0.84
CA SER A 56 22.45 20.00 -0.16
C SER A 56 21.95 19.63 1.23
N TYR A 57 22.32 18.43 1.69
CA TYR A 57 21.97 17.97 3.03
C TYR A 57 22.63 18.77 4.15
N ASP A 58 23.77 19.40 3.84
CA ASP A 58 24.49 20.18 4.83
C ASP A 58 24.16 21.69 4.76
N ASP A 59 23.14 22.02 3.97
CA ASP A 59 22.67 23.39 3.86
C ASP A 59 21.65 23.66 4.97
N LEU A 60 22.09 24.31 6.03
CA LEU A 60 21.26 24.49 7.22
C LEU A 60 20.02 25.34 6.97
N LYS A 61 20.17 26.37 6.14
CA LYS A 61 19.04 27.23 5.75
C LYS A 61 17.90 26.41 5.14
N ALA A 62 18.25 25.48 4.26
CA ALA A 62 17.28 24.58 3.61
C ALA A 62 16.68 23.55 4.56
N ILE A 63 17.48 23.01 5.47
CA ILE A 63 16.99 22.10 6.53
C ILE A 63 15.97 22.84 7.41
N GLN A 64 16.26 24.11 7.69
CA GLN A 64 15.37 24.97 8.47
C GLN A 64 14.08 25.24 7.72
N HIS A 65 14.18 25.44 6.41
CA HIS A 65 13.00 25.61 5.56
C HIS A 65 12.12 24.37 5.57
N LEU A 66 12.74 23.20 5.46
CA LEU A 66 11.98 21.95 5.53
C LEU A 66 11.23 21.84 6.86
N ALA A 67 11.96 22.10 7.95
CA ALA A 67 11.41 21.98 9.30
C ALA A 67 10.27 22.96 9.55
N GLU A 68 10.42 24.18 9.07
CA GLU A 68 9.45 25.23 9.35
C GLU A 68 8.09 25.00 8.67
N ILE A 69 8.06 24.14 7.65
CA ILE A 69 6.80 23.78 7.00
C ILE A 69 6.30 22.37 7.35
N SER A 70 7.05 21.68 8.20
CA SER A 70 6.71 20.30 8.60
C SER A 70 6.26 20.25 10.04
N ASP A 71 5.30 19.38 10.32
CA ASP A 71 4.83 19.14 11.68
C ASP A 71 5.67 18.10 12.39
N VAL A 72 6.29 17.23 11.59
CA VAL A 72 7.27 16.26 12.08
C VAL A 72 8.32 16.06 10.99
N VAL A 73 9.56 15.84 11.41
CA VAL A 73 10.65 15.61 10.49
C VAL A 73 11.26 14.22 10.71
N THR A 74 11.54 13.53 9.61
CA THR A 74 12.25 12.27 9.65
C THR A 74 13.29 12.27 8.52
N TYR A 75 14.04 11.18 8.38
CA TYR A 75 15.12 11.11 7.38
C TYR A 75 15.22 9.72 6.74
N GLU A 76 15.74 9.67 5.52
CA GLU A 76 16.25 8.42 4.96
C GLU A 76 17.77 8.56 4.78
N PHE A 77 18.21 9.81 4.64
CA PHE A 77 19.63 10.15 4.54
C PHE A 77 20.17 10.31 5.96
N GLU A 78 21.17 9.50 6.30
CA GLU A 78 21.65 9.40 7.68
C GLU A 78 22.82 10.32 8.02
N ASN A 79 23.54 10.78 6.99
CA ASN A 79 24.78 11.52 7.19
C ASN A 79 24.57 13.01 7.46
N ILE A 80 23.53 13.33 8.24
CA ILE A 80 23.25 14.70 8.66
C ILE A 80 24.28 15.12 9.72
N ASP A 81 24.91 16.28 9.56
CA ASP A 81 25.94 16.68 10.51
C ASP A 81 25.37 17.16 11.86
N TYR A 82 26.26 17.33 12.84
CA TYR A 82 25.85 17.71 14.17
C TYR A 82 25.13 19.05 14.28
N ARG A 83 25.60 20.06 13.57
CA ARG A 83 24.96 21.38 13.67
C ARG A 83 23.50 21.31 13.20
N CYS A 84 23.24 20.57 12.13
CA CYS A 84 21.88 20.41 11.63
C CYS A 84 21.04 19.55 12.57
N LEU A 85 21.62 18.46 13.06
CA LEU A 85 20.91 17.58 14.02
C LEU A 85 20.50 18.30 15.29
N GLN A 86 21.41 19.05 15.89
CA GLN A 86 21.11 19.78 17.11
C GLN A 86 20.02 20.83 16.88
N TRP A 87 20.06 21.51 15.74
CA TRP A 87 19.03 22.47 15.40
C TRP A 87 17.68 21.81 15.26
N LEU A 88 17.65 20.69 14.52
CA LEU A 88 16.41 19.95 14.31
C LEU A 88 15.77 19.46 15.62
N GLU A 89 16.58 18.83 16.47
CA GLU A 89 16.04 18.26 17.70
C GLU A 89 15.50 19.32 18.66
N LYS A 90 16.09 20.52 18.62
CA LYS A 90 15.68 21.59 19.51
C LYS A 90 14.64 22.55 18.94
N HIS A 91 14.71 22.83 17.64
CA HIS A 91 13.82 23.83 17.02
C HIS A 91 12.78 23.27 16.08
N ALA A 92 12.91 21.99 15.73
CA ALA A 92 11.88 21.32 14.94
C ALA A 92 11.35 20.15 15.77
N TYR A 93 10.47 19.34 15.18
CA TYR A 93 10.05 18.13 15.87
C TYR A 93 10.67 16.91 15.20
N LEU A 94 11.73 16.41 15.82
CA LEU A 94 12.47 15.24 15.34
C LEU A 94 12.42 14.17 16.43
N PRO A 95 11.30 13.44 16.53
CA PRO A 95 11.14 12.46 17.60
C PRO A 95 12.21 11.35 17.62
N GLN A 96 12.81 11.06 16.47
CA GLN A 96 13.89 10.07 16.42
C GLN A 96 15.14 10.50 17.18
N GLY A 97 15.34 11.81 17.31
CA GLY A 97 16.47 12.36 18.05
C GLY A 97 17.78 12.17 17.30
N SER A 98 18.88 12.54 17.95
CA SER A 98 20.18 12.52 17.30
C SER A 98 21.11 11.43 17.84
N GLN A 99 20.75 10.86 18.99
CA GLN A 99 21.65 9.97 19.72
C GLN A 99 21.89 8.64 19.00
N LEU A 100 20.81 8.03 18.50
CA LEU A 100 20.94 6.76 17.77
C LEU A 100 21.75 6.95 16.49
N LEU A 101 21.43 8.00 15.74
CA LEU A 101 22.13 8.36 14.51
C LEU A 101 23.64 8.48 14.73
N SER A 102 24.05 9.12 15.84
CA SER A 102 25.47 9.32 16.14
C SER A 102 26.20 8.01 16.47
N LYS A 103 25.48 7.05 17.05
CA LYS A 103 26.05 5.74 17.37
C LYS A 103 26.23 4.87 16.12
N THR A 104 25.26 4.93 15.19
CA THR A 104 25.27 4.05 14.01
C THR A 104 26.15 4.55 12.86
N GLN A 105 26.68 5.76 12.97
CA GLN A 105 27.45 6.34 11.86
C GLN A 105 28.94 5.97 11.88
N ASN A 106 29.38 5.41 13.00
CA ASN A 106 30.76 5.00 13.17
C ASN A 106 30.76 3.55 13.64
N ARG A 107 31.46 2.68 12.90
CA ARG A 107 31.46 1.23 13.19
C ARG A 107 31.98 0.92 14.61
N PHE A 108 32.99 1.66 15.06
CA PHE A 108 33.55 1.47 16.41
C PHE A 108 32.55 1.91 17.48
N THR A 109 31.98 3.10 17.31
CA THR A 109 30.96 3.62 18.21
C THR A 109 29.75 2.69 18.26
N GLU A 110 29.37 2.17 17.09
CA GLU A 110 28.23 1.25 16.96
C GLU A 110 28.47 -0.02 17.77
N LYS A 111 29.61 -0.65 17.54
CA LYS A 111 29.97 -1.87 18.26
C LYS A 111 30.05 -1.66 19.78
N ASN A 112 30.62 -0.53 20.20
CA ASN A 112 30.62 -0.16 21.63
C ASN A 112 29.20 -0.07 22.21
N ALA A 113 28.30 0.58 21.47
CA ALA A 113 26.92 0.73 21.91
C ALA A 113 26.18 -0.62 22.00
N ILE A 114 26.47 -1.53 21.07
CA ILE A 114 25.83 -2.85 21.06
C ILE A 114 26.25 -3.70 22.27
N GLU A 115 27.54 -3.69 22.58
CA GLU A 115 28.08 -4.39 23.74
C GLU A 115 27.57 -3.80 25.05
N LYS A 116 27.51 -2.47 25.12
CA LYS A 116 26.96 -1.75 26.27
C LYS A 116 25.49 -2.11 26.48
N ALA A 117 24.78 -2.36 25.38
CA ALA A 117 23.41 -2.86 25.44
C ALA A 117 23.35 -4.31 25.94
N GLY A 118 24.49 -4.99 25.99
CA GLY A 118 24.57 -6.37 26.48
C GLY A 118 24.53 -7.44 25.39
N LEU A 119 24.70 -7.04 24.13
CA LEU A 119 24.55 -7.97 23.00
C LEU A 119 25.88 -8.35 22.34
N PRO A 120 25.98 -9.56 21.76
CA PRO A 120 27.25 -10.01 21.21
C PRO A 120 27.57 -9.49 19.80
N VAL A 121 28.84 -9.15 19.59
CA VAL A 121 29.37 -8.80 18.27
C VAL A 121 30.68 -9.55 18.08
N ALA A 122 31.21 -9.54 16.86
CA ALA A 122 32.54 -10.09 16.61
C ALA A 122 33.57 -9.33 17.44
N THR A 123 34.55 -10.03 18.01
CA THR A 123 35.66 -9.39 18.71
C THR A 123 36.32 -8.40 17.75
N TYR A 124 36.57 -7.19 18.24
CA TYR A 124 37.04 -6.09 17.41
C TYR A 124 38.04 -5.21 18.14
N ARG A 125 38.84 -4.47 17.37
CA ARG A 125 39.83 -3.55 17.89
C ARG A 125 39.84 -2.31 17.01
N LEU A 126 39.93 -1.15 17.64
CA LEU A 126 40.13 0.11 16.94
C LEU A 126 41.52 0.15 16.31
N VAL A 127 41.61 0.64 15.08
CA VAL A 127 42.89 0.78 14.39
C VAL A 127 43.05 2.21 13.86
N GLN A 128 43.90 2.98 14.54
CA GLN A 128 44.13 4.38 14.17
C GLN A 128 45.51 4.62 13.59
N ASN A 129 46.40 3.65 13.73
CA ASN A 129 47.72 3.70 13.08
C ASN A 129 48.24 2.31 12.77
N GLN A 130 49.46 2.25 12.21
CA GLN A 130 50.07 1.01 11.79
C GLN A 130 50.39 0.07 12.95
N GLU A 131 50.78 0.65 14.09
CA GLU A 131 51.05 -0.17 15.28
C GLU A 131 49.78 -0.80 15.85
N GLN A 132 48.68 -0.05 15.87
CA GLN A 132 47.41 -0.60 16.33
C GLN A 132 46.95 -1.76 15.43
N LEU A 133 47.19 -1.64 14.13
CA LEU A 133 46.92 -2.72 13.18
C LEU A 133 47.74 -3.97 13.51
N THR A 134 49.05 -3.78 13.69
CA THR A 134 49.98 -4.86 14.03
C THR A 134 49.57 -5.57 15.32
N GLU A 135 49.27 -4.78 16.36
CA GLU A 135 48.81 -5.32 17.63
C GLU A 135 47.47 -6.07 17.51
N ALA A 136 46.59 -5.56 16.64
CA ALA A 136 45.26 -6.15 16.46
C ALA A 136 45.33 -7.50 15.74
N ILE A 137 46.13 -7.56 14.68
CA ILE A 137 46.38 -8.81 13.94
C ILE A 137 46.92 -9.90 14.85
N ALA A 138 47.86 -9.55 15.73
CA ALA A 138 48.46 -10.50 16.67
C ALA A 138 47.47 -10.97 17.75
N GLU A 139 46.51 -10.11 18.09
CA GLU A 139 45.53 -10.44 19.10
C GLU A 139 44.33 -11.23 18.54
N LEU A 140 43.90 -10.88 17.33
CA LEU A 140 42.71 -11.51 16.73
C LEU A 140 43.04 -12.65 15.75
N SER A 141 44.30 -12.71 15.32
CA SER A 141 44.79 -13.73 14.38
C SER A 141 44.04 -13.72 13.03
N TYR A 142 44.23 -14.77 12.25
CA TYR A 142 43.56 -14.92 10.96
C TYR A 142 42.49 -16.01 11.05
N PRO A 143 41.37 -15.85 10.32
CA PRO A 143 41.09 -14.71 9.46
C PRO A 143 40.43 -13.54 10.20
N SER A 144 40.53 -12.35 9.62
CA SER A 144 39.96 -11.14 10.20
C SER A 144 39.59 -10.16 9.09
N VAL A 145 38.88 -9.09 9.46
CA VAL A 145 38.44 -8.11 8.47
C VAL A 145 38.65 -6.68 8.97
N LEU A 146 39.34 -5.89 8.16
CA LEU A 146 39.58 -4.49 8.49
C LEU A 146 38.58 -3.62 7.74
N LYS A 147 37.84 -2.80 8.48
CA LYS A 147 36.83 -1.91 7.90
C LYS A 147 37.06 -0.47 8.33
N THR A 148 36.90 0.48 7.41
CA THR A 148 36.84 1.89 7.78
C THR A 148 35.67 2.12 8.74
N THR A 149 35.91 2.94 9.76
CA THR A 149 34.88 3.22 10.75
C THR A 149 33.75 4.08 10.18
N THR A 150 34.08 4.95 9.22
CA THR A 150 33.06 5.78 8.58
C THR A 150 33.14 5.70 7.06
N GLY A 151 32.01 5.96 6.42
CA GLY A 151 31.94 6.10 4.96
C GLY A 151 31.88 4.79 4.21
N GLY A 152 32.03 3.68 4.93
CA GLY A 152 32.06 2.36 4.30
C GLY A 152 30.68 1.91 3.85
N TYR A 153 30.60 1.37 2.64
CA TYR A 153 29.33 0.88 2.09
C TYR A 153 29.62 -0.07 0.94
N ASP A 154 28.67 -0.94 0.63
CA ASP A 154 28.81 -1.90 -0.47
C ASP A 154 30.17 -2.59 -0.44
N GLY A 155 30.63 -2.97 0.76
CA GLY A 155 31.92 -3.65 0.91
C GLY A 155 33.15 -2.82 0.60
N LYS A 156 32.96 -1.53 0.32
CA LYS A 156 34.08 -0.63 0.04
C LYS A 156 34.72 -0.19 1.34
N GLY A 157 36.04 0.00 1.31
CA GLY A 157 36.79 0.33 2.53
C GLY A 157 36.88 -0.87 3.44
N GLN A 158 37.10 -2.04 2.83
CA GLN A 158 37.12 -3.29 3.54
C GLN A 158 38.20 -4.20 2.98
N VAL A 159 39.01 -4.78 3.87
CA VAL A 159 40.04 -5.74 3.48
C VAL A 159 39.94 -6.96 4.39
N VAL A 160 39.75 -8.12 3.77
CA VAL A 160 39.73 -9.38 4.52
C VAL A 160 41.17 -9.91 4.59
N LEU A 161 41.60 -10.24 5.81
CA LEU A 161 42.94 -10.76 6.04
C LEU A 161 42.90 -12.25 6.33
N ARG A 162 43.43 -13.03 5.39
CA ARG A 162 43.47 -14.49 5.52
C ARG A 162 44.87 -14.99 5.91
N SER A 163 45.89 -14.20 5.56
CA SER A 163 47.27 -14.51 5.90
C SER A 163 48.12 -13.23 5.87
N GLU A 164 49.40 -13.36 6.23
CA GLU A 164 50.37 -12.25 6.19
C GLU A 164 50.44 -11.60 4.80
N ALA A 165 50.08 -12.35 3.76
CA ALA A 165 50.05 -11.85 2.39
C ALA A 165 49.06 -10.71 2.18
N ASP A 166 48.06 -10.62 3.07
CA ASP A 166 47.02 -9.60 2.97
C ASP A 166 47.36 -8.32 3.71
N VAL A 167 48.36 -8.40 4.59
CA VAL A 167 48.77 -7.28 5.45
C VAL A 167 49.07 -6.00 4.68
N ASP A 168 49.76 -6.12 3.54
CA ASP A 168 50.12 -4.96 2.71
C ASP A 168 48.92 -4.10 2.31
N GLU A 169 47.85 -4.76 1.87
CA GLU A 169 46.61 -4.08 1.48
C GLU A 169 45.91 -3.47 2.71
N ALA A 170 45.99 -4.17 3.83
CA ALA A 170 45.40 -3.72 5.09
C ALA A 170 46.11 -2.46 5.61
N ARG A 171 47.44 -2.45 5.53
CA ARG A 171 48.23 -1.27 5.88
C ARG A 171 47.90 -0.06 5.02
N LYS A 172 47.69 -0.30 3.72
CA LYS A 172 47.27 0.75 2.78
C LYS A 172 45.94 1.38 3.20
N LEU A 173 44.98 0.54 3.59
CA LEU A 173 43.67 1.03 4.03
C LEU A 173 43.79 1.83 5.32
N ALA A 174 44.50 1.28 6.30
CA ALA A 174 44.70 1.94 7.59
C ALA A 174 45.49 3.25 7.48
N ASN A 175 46.42 3.30 6.52
CA ASN A 175 47.11 4.54 6.15
C ASN A 175 46.12 5.64 5.73
N ALA A 176 45.06 5.22 5.05
CA ALA A 176 44.10 6.15 4.45
C ALA A 176 42.94 6.57 5.37
N ALA A 177 42.63 5.76 6.39
CA ALA A 177 41.49 6.06 7.27
C ALA A 177 41.51 5.30 8.60
N GLU A 178 40.81 5.85 9.58
CA GLU A 178 40.52 5.17 10.82
C GLU A 178 39.75 3.88 10.52
N CYS A 179 40.14 2.79 11.16
CA CYS A 179 39.56 1.49 10.91
C CYS A 179 39.22 0.72 12.19
N ILE A 180 38.45 -0.36 12.02
CA ILE A 180 38.30 -1.39 13.03
C ILE A 180 38.73 -2.74 12.45
N LEU A 181 39.38 -3.56 13.27
CA LEU A 181 39.64 -4.93 12.87
C LEU A 181 38.65 -5.82 13.61
N GLU A 182 37.99 -6.68 12.85
CA GLU A 182 37.03 -7.62 13.42
C GLU A 182 37.50 -9.03 13.15
N LYS A 183 37.30 -9.92 14.10
CA LYS A 183 37.49 -11.34 13.88
C LYS A 183 36.48 -11.83 12.86
N TRP A 184 36.93 -12.69 11.96
CA TRP A 184 36.05 -13.29 10.96
C TRP A 184 35.09 -14.21 11.64
N VAL A 185 33.81 -14.03 11.37
CA VAL A 185 32.77 -14.88 11.94
C VAL A 185 32.41 -15.92 10.89
N PRO A 186 32.68 -17.20 11.17
CA PRO A 186 32.17 -18.24 10.29
C PRO A 186 30.66 -18.44 10.54
N PHE A 187 29.83 -17.89 9.66
CA PHE A 187 28.38 -17.99 9.85
C PHE A 187 27.78 -18.80 8.71
N GLU A 188 26.56 -19.29 8.92
CA GLU A 188 25.85 -20.02 7.87
C GLU A 188 24.94 -19.08 7.07
N LYS A 189 24.25 -18.17 7.76
CA LYS A 189 23.32 -17.24 7.12
C LYS A 189 23.48 -15.83 7.66
N GLU A 190 23.27 -14.85 6.79
CA GLU A 190 23.09 -13.47 7.23
C GLU A 190 21.61 -13.20 7.33
N VAL A 191 21.19 -12.64 8.45
CA VAL A 191 19.77 -12.40 8.71
C VAL A 191 19.56 -10.99 9.23
N SER A 192 18.32 -10.51 9.16
CA SER A 192 18.00 -9.18 9.66
C SER A 192 16.63 -9.13 10.29
N VAL A 193 16.48 -8.23 11.23
CA VAL A 193 15.19 -7.98 11.85
C VAL A 193 14.92 -6.49 11.86
N ILE A 194 13.73 -6.12 11.41
CA ILE A 194 13.27 -4.75 11.49
C ILE A 194 12.50 -4.62 12.79
N VAL A 195 12.90 -3.66 13.63
CA VAL A 195 12.18 -3.40 14.87
C VAL A 195 11.64 -1.97 14.91
N ILE A 196 10.43 -1.82 15.42
CA ILE A 196 9.73 -0.54 15.48
C ILE A 196 9.45 -0.15 16.93
N ARG A 197 9.73 1.11 17.25
CA ARG A 197 9.33 1.67 18.55
C ARG A 197 8.75 3.07 18.39
N SER A 198 7.52 3.26 18.89
CA SER A 198 6.86 4.55 18.79
C SER A 198 7.39 5.55 19.81
N VAL A 199 7.05 6.82 19.59
CA VAL A 199 7.33 7.91 20.54
C VAL A 199 6.92 7.52 21.98
N SER A 200 5.75 6.90 22.11
CA SER A 200 5.23 6.56 23.44
C SER A 200 5.83 5.26 23.99
N GLY A 201 6.66 4.60 23.20
CA GLY A 201 7.35 3.39 23.65
C GLY A 201 6.70 2.04 23.29
N GLU A 202 5.61 2.05 22.53
CA GLU A 202 5.07 0.80 21.98
C GLU A 202 6.08 0.16 21.03
N THR A 203 6.21 -1.16 21.09
CA THR A 203 7.20 -1.85 20.27
C THR A 203 6.57 -2.94 19.41
N LYS A 204 7.09 -3.08 18.19
CA LYS A 204 6.74 -4.21 17.34
C LYS A 204 7.98 -4.71 16.63
N VAL A 205 8.01 -6.01 16.38
CA VAL A 205 9.14 -6.64 15.73
C VAL A 205 8.66 -7.47 14.55
N PHE A 206 9.26 -7.25 13.38
CA PHE A 206 8.96 -8.03 12.19
C PHE A 206 9.65 -9.41 12.25
N PRO A 207 9.23 -10.35 11.38
CA PRO A 207 9.89 -11.67 11.28
C PRO A 207 11.35 -11.57 10.85
N VAL A 208 12.11 -12.63 11.12
CA VAL A 208 13.50 -12.69 10.69
C VAL A 208 13.58 -12.96 9.19
N ALA A 209 14.38 -12.16 8.49
CA ALA A 209 14.60 -12.34 7.06
C ALA A 209 16.00 -12.88 6.81
N GLU A 210 16.11 -13.79 5.84
CA GLU A 210 17.40 -14.30 5.39
C GLU A 210 17.87 -13.49 4.19
N ASN A 211 19.07 -12.93 4.28
CA ASN A 211 19.56 -12.03 3.25
C ASN A 211 20.70 -12.62 2.43
N ILE A 212 20.55 -12.56 1.12
CA ILE A 212 21.57 -13.05 0.20
C ILE A 212 22.12 -11.88 -0.58
N HIS A 213 23.40 -11.59 -0.38
CA HIS A 213 24.09 -10.51 -1.08
C HIS A 213 24.94 -11.07 -2.19
N VAL A 214 24.97 -10.36 -3.31
CA VAL A 214 25.78 -10.77 -4.46
C VAL A 214 26.52 -9.52 -4.96
N ASN A 215 27.84 -9.61 -5.04
CA ASN A 215 28.70 -8.46 -5.37
C ASN A 215 28.47 -7.26 -4.46
N ASN A 216 28.31 -7.52 -3.16
CA ASN A 216 28.07 -6.50 -2.13
C ASN A 216 26.80 -5.67 -2.32
N ILE A 217 25.81 -6.27 -2.96
CA ILE A 217 24.49 -5.66 -3.08
C ILE A 217 23.50 -6.75 -2.73
N LEU A 218 22.46 -6.40 -1.96
CA LEU A 218 21.42 -7.37 -1.61
C LEU A 218 20.73 -7.85 -2.88
N HIS A 219 20.57 -9.16 -2.99
CA HIS A 219 19.93 -9.77 -4.13
C HIS A 219 18.55 -10.25 -3.73
N GLU A 220 18.50 -11.05 -2.67
CA GLU A 220 17.23 -11.59 -2.18
C GLU A 220 17.09 -11.54 -0.66
N SER A 221 15.88 -11.29 -0.20
CA SER A 221 15.52 -11.49 1.21
C SER A 221 14.43 -12.56 1.30
N ILE A 222 14.66 -13.58 2.13
CA ILE A 222 13.77 -14.73 2.22
C ILE A 222 13.09 -14.74 3.59
N VAL A 223 11.77 -14.82 3.60
CA VAL A 223 10.99 -14.81 4.84
C VAL A 223 9.87 -15.86 4.83
N PRO A 224 9.85 -16.78 5.83
CA PRO A 224 10.75 -16.90 6.98
C PRO A 224 12.17 -17.28 6.59
N ALA A 225 13.16 -16.69 7.27
CA ALA A 225 14.54 -17.10 7.13
C ALA A 225 14.65 -18.61 7.38
N ARG A 226 15.46 -19.30 6.57
CA ARG A 226 15.62 -20.74 6.69
C ARG A 226 16.65 -21.07 7.78
N ILE A 227 16.25 -20.82 9.02
CA ILE A 227 17.07 -21.06 10.20
C ILE A 227 16.22 -21.75 11.26
N THR A 228 16.89 -22.36 12.24
CA THR A 228 16.23 -23.05 13.33
C THR A 228 15.38 -22.10 14.18
N GLU A 229 14.43 -22.69 14.92
CA GLU A 229 13.61 -21.98 15.88
C GLU A 229 14.47 -21.28 16.95
N GLU A 230 15.60 -21.90 17.30
CA GLU A 230 16.54 -21.31 18.26
C GLU A 230 17.11 -19.98 17.74
N LEU A 231 17.66 -20.02 16.53
CA LEU A 231 18.24 -18.83 15.91
C LEU A 231 17.20 -17.72 15.73
N SER A 232 16.02 -18.10 15.23
CA SER A 232 14.93 -17.16 15.00
C SER A 232 14.54 -16.39 16.25
N GLN A 233 14.16 -17.11 17.31
CA GLN A 233 13.76 -16.49 18.57
C GLN A 233 14.87 -15.65 19.21
N LYS A 234 16.12 -16.12 19.09
CA LYS A 234 17.26 -15.37 19.58
C LYS A 234 17.41 -14.01 18.86
N ALA A 235 17.37 -14.04 17.52
CA ALA A 235 17.43 -12.83 16.70
C ALA A 235 16.37 -11.81 17.11
N ILE A 236 15.13 -12.27 17.28
CA ILE A 236 14.02 -11.42 17.69
C ILE A 236 14.22 -10.84 19.09
N ALA A 237 14.65 -11.68 20.03
CA ALA A 237 14.97 -11.25 21.39
C ALA A 237 16.04 -10.16 21.40
N TYR A 238 17.10 -10.37 20.61
CA TYR A 238 18.24 -9.43 20.54
C TYR A 238 17.79 -8.07 19.99
N ALA A 239 16.96 -8.10 18.95
CA ALA A 239 16.43 -6.89 18.33
C ALA A 239 15.60 -6.04 19.31
N LYS A 240 14.78 -6.71 20.12
CA LYS A 240 14.00 -6.06 21.17
C LYS A 240 14.87 -5.41 22.23
N VAL A 241 15.89 -6.12 22.71
CA VAL A 241 16.82 -5.57 23.71
C VAL A 241 17.47 -4.29 23.15
N LEU A 242 17.92 -4.37 21.89
CA LEU A 242 18.51 -3.24 21.21
C LEU A 242 17.58 -2.03 21.16
N ALA A 243 16.34 -2.27 20.71
CA ALA A 243 15.33 -1.22 20.65
C ALA A 243 15.15 -0.57 22.02
N ASP A 244 15.06 -1.41 23.05
CA ASP A 244 14.87 -0.95 24.43
C ASP A 244 16.08 -0.16 24.94
N GLU A 245 17.27 -0.74 24.81
CA GLU A 245 18.51 -0.14 25.35
C GLU A 245 18.95 1.11 24.61
N LEU A 246 18.69 1.15 23.31
CA LEU A 246 19.06 2.30 22.52
C LEU A 246 17.98 3.39 22.55
N GLU A 247 16.88 3.12 23.24
CA GLU A 247 15.73 4.03 23.32
C GLU A 247 15.24 4.46 21.94
N LEU A 248 15.08 3.48 21.07
CA LEU A 248 14.64 3.69 19.71
C LEU A 248 13.31 4.43 19.61
N VAL A 249 13.25 5.40 18.71
CA VAL A 249 11.99 5.91 18.21
C VAL A 249 12.06 5.83 16.70
N GLY A 250 11.09 5.17 16.10
CA GLY A 250 11.09 4.98 14.66
C GLY A 250 11.47 3.55 14.30
N THR A 251 12.31 3.41 13.29
CA THR A 251 12.65 2.11 12.70
C THR A 251 14.12 1.79 12.90
N LEU A 252 14.40 0.53 13.22
CA LEU A 252 15.78 0.06 13.32
C LEU A 252 15.94 -1.28 12.63
N ALA A 253 16.83 -1.31 11.65
CA ALA A 253 17.17 -2.54 10.95
C ALA A 253 18.39 -3.14 11.63
N VAL A 254 18.24 -4.38 12.12
CA VAL A 254 19.34 -5.05 12.81
C VAL A 254 19.84 -6.20 11.94
N GLU A 255 21.05 -6.05 11.40
CA GLU A 255 21.65 -7.08 10.55
C GLU A 255 22.57 -7.97 11.38
N MET A 256 22.46 -9.27 11.16
CA MET A 256 23.09 -10.26 12.04
C MET A 256 23.75 -11.39 11.27
N PHE A 257 24.69 -12.07 11.93
CA PHE A 257 25.26 -13.31 11.46
C PHE A 257 24.70 -14.46 12.31
N ALA A 258 24.28 -15.52 11.65
CA ALA A 258 23.77 -16.70 12.33
C ALA A 258 24.65 -17.91 12.03
N THR A 259 25.16 -18.55 13.08
CA THR A 259 26.08 -19.68 12.89
C THR A 259 25.34 -21.01 12.90
N ALA A 260 26.00 -22.05 12.37
CA ALA A 260 25.44 -23.40 12.32
C ALA A 260 25.06 -23.89 13.72
N ASP A 261 25.90 -23.60 14.71
CA ASP A 261 25.66 -24.07 16.07
C ASP A 261 24.87 -23.08 16.94
N GLY A 262 24.06 -22.23 16.30
CA GLY A 262 23.04 -21.46 17.02
C GLY A 262 23.42 -20.14 17.68
N GLU A 263 24.54 -19.55 17.27
CA GLU A 263 24.93 -18.22 17.76
C GLU A 263 24.43 -17.11 16.84
N ILE A 264 24.12 -15.97 17.43
CA ILE A 264 23.85 -14.74 16.69
C ILE A 264 24.91 -13.72 17.09
N TYR A 265 25.45 -13.02 16.10
CA TYR A 265 26.26 -11.83 16.32
C TYR A 265 25.62 -10.68 15.57
N ILE A 266 25.59 -9.50 16.19
CA ILE A 266 25.04 -8.30 15.58
C ILE A 266 26.14 -7.72 14.71
N ASN A 267 25.83 -7.53 13.42
CA ASN A 267 26.79 -7.04 12.44
C ASN A 267 26.77 -5.53 12.34
N GLU A 268 25.62 -4.99 11.92
CA GLU A 268 25.42 -3.54 11.93
C GLU A 268 23.96 -3.13 12.08
N LEU A 269 23.76 -1.84 12.31
CA LEU A 269 22.43 -1.27 12.54
C LEU A 269 22.12 -0.18 11.53
N ALA A 270 20.86 -0.08 11.14
CA ALA A 270 20.42 1.08 10.34
C ALA A 270 19.18 1.71 10.98
N PRO A 271 19.28 2.98 11.41
CA PRO A 271 18.16 3.69 12.05
C PRO A 271 17.16 4.28 11.04
N ARG A 272 16.58 3.39 10.22
CA ARG A 272 15.70 3.76 9.11
C ARG A 272 15.11 2.48 8.51
N PRO A 273 14.04 2.61 7.71
CA PRO A 273 13.65 1.46 6.91
C PRO A 273 14.83 1.01 6.06
N HIS A 274 14.85 -0.27 5.75
CA HIS A 274 16.01 -0.94 5.16
C HIS A 274 15.58 -1.83 4.03
N ASN A 275 16.46 -2.04 3.05
CA ASN A 275 16.20 -2.89 1.87
C ASN A 275 15.70 -4.30 2.24
N SER A 276 16.24 -4.86 3.32
CA SER A 276 15.86 -6.21 3.77
C SER A 276 14.45 -6.28 4.38
N GLY A 277 13.77 -5.13 4.46
CA GLY A 277 12.41 -5.08 4.97
C GLY A 277 11.35 -4.74 3.93
N HIS A 278 11.74 -4.69 2.65
CA HIS A 278 10.78 -4.35 1.59
C HIS A 278 9.73 -5.42 1.41
N TYR A 279 10.09 -6.66 1.76
CA TYR A 279 9.15 -7.78 1.77
C TYR A 279 7.84 -7.48 2.54
N THR A 280 7.93 -6.61 3.55
CA THR A 280 6.80 -6.29 4.43
C THR A 280 5.66 -5.57 3.69
N GLN A 281 5.98 -4.94 2.57
CA GLN A 281 4.97 -4.23 1.76
C GLN A 281 3.84 -5.15 1.28
N ASP A 282 4.17 -6.40 0.99
CA ASP A 282 3.22 -7.34 0.41
C ASP A 282 2.92 -8.56 1.28
N ALA A 283 3.78 -8.84 2.25
CA ALA A 283 3.69 -10.11 2.98
C ALA A 283 3.29 -9.98 4.46
N CYS A 284 3.37 -8.77 4.99
CA CYS A 284 3.04 -8.52 6.39
C CYS A 284 1.79 -7.69 6.52
N GLU A 285 1.16 -7.79 7.69
CA GLU A 285 -0.03 -7.03 8.01
C GLU A 285 0.18 -5.51 7.90
N THR A 286 1.36 -5.03 8.32
CA THR A 286 1.78 -3.64 8.09
C THR A 286 3.18 -3.61 7.47
N SER A 287 3.44 -2.66 6.58
CA SER A 287 4.78 -2.56 5.99
C SER A 287 5.72 -1.80 6.93
N GLN A 288 7.02 -1.95 6.74
CA GLN A 288 7.98 -1.17 7.55
C GLN A 288 7.77 0.34 7.39
N PHE A 289 7.25 0.76 6.24
CA PHE A 289 7.00 2.16 5.94
C PHE A 289 5.78 2.71 6.68
N GLY A 290 4.71 1.92 6.71
CA GLY A 290 3.51 2.26 7.50
C GLY A 290 3.83 2.29 8.98
N GLN A 291 4.69 1.36 9.42
CA GLN A 291 5.11 1.31 10.82
C GLN A 291 5.94 2.53 11.19
N HIS A 292 6.83 2.93 10.28
CA HIS A 292 7.70 4.07 10.51
C HIS A 292 6.92 5.33 10.73
N ILE A 293 5.98 5.62 9.83
CA ILE A 293 5.09 6.77 9.97
C ILE A 293 4.30 6.75 11.28
N ARG A 294 3.71 5.60 11.62
CA ARG A 294 2.93 5.48 12.85
C ARG A 294 3.80 5.75 14.06
N ALA A 295 5.02 5.21 14.05
CA ALA A 295 5.95 5.35 15.17
C ALA A 295 6.33 6.81 15.46
N ILE A 296 6.67 7.56 14.41
CA ILE A 296 7.12 8.95 14.57
C ILE A 296 5.95 9.87 14.87
N CYS A 297 4.77 9.56 14.33
CA CYS A 297 3.56 10.37 14.58
C CYS A 297 2.86 9.99 15.88
N ASN A 298 3.39 8.95 16.51
CA ASN A 298 2.87 8.40 17.76
C ASN A 298 1.45 7.86 17.61
N LEU A 299 1.20 7.17 16.49
CA LEU A 299 -0.05 6.44 16.33
C LEU A 299 0.13 5.01 16.84
N PRO A 300 -0.99 4.31 17.12
CA PRO A 300 -0.83 2.90 17.52
C PRO A 300 -0.17 2.14 16.37
N LEU A 301 0.81 1.30 16.71
CA LEU A 301 1.51 0.54 15.69
C LEU A 301 0.61 -0.58 15.14
N GLY A 302 0.79 -0.92 13.88
CA GLY A 302 0.08 -2.05 13.28
C GLY A 302 0.74 -3.36 13.65
N GLU A 303 0.15 -4.48 13.27
CA GLU A 303 0.72 -5.79 13.58
C GLU A 303 1.77 -6.19 12.52
N THR A 304 2.71 -7.03 12.91
CA THR A 304 3.81 -7.41 12.02
C THR A 304 3.75 -8.87 11.55
N ASN A 305 2.58 -9.49 11.67
CA ASN A 305 2.41 -10.88 11.27
C ASN A 305 2.79 -11.12 9.83
N LEU A 306 3.53 -12.21 9.60
CA LEU A 306 3.81 -12.65 8.25
C LEU A 306 2.56 -13.36 7.73
N LEU A 307 1.96 -12.78 6.69
CA LEU A 307 0.69 -13.30 6.16
C LEU A 307 0.89 -14.36 5.08
N LYS A 308 2.02 -14.29 4.40
CA LYS A 308 2.40 -15.27 3.40
C LYS A 308 3.92 -15.28 3.26
N PRO A 309 4.53 -16.47 3.12
CA PRO A 309 5.97 -16.52 2.84
C PRO A 309 6.32 -15.76 1.56
N VAL A 310 7.53 -15.23 1.50
CA VAL A 310 7.91 -14.26 0.46
C VAL A 310 9.40 -14.30 0.13
N VAL A 311 9.72 -14.06 -1.14
CA VAL A 311 11.08 -13.77 -1.54
C VAL A 311 11.10 -12.40 -2.22
N MET A 312 11.79 -11.45 -1.60
CA MET A 312 12.03 -10.16 -2.24
C MET A 312 13.27 -10.29 -3.09
N VAL A 313 13.18 -9.83 -4.33
CA VAL A 313 14.33 -9.79 -5.21
C VAL A 313 14.55 -8.35 -5.66
N ASN A 314 15.78 -7.85 -5.54
CA ASN A 314 16.11 -6.50 -5.97
C ASN A 314 16.20 -6.41 -7.49
N ILE A 315 15.72 -5.29 -8.03
CA ILE A 315 15.86 -4.97 -9.44
C ILE A 315 16.88 -3.83 -9.60
N LEU A 316 18.05 -4.18 -10.14
CA LEU A 316 19.10 -3.19 -10.41
C LEU A 316 18.97 -2.71 -11.84
N GLY A 317 19.73 -1.67 -12.19
CA GLY A 317 19.75 -1.15 -13.56
C GLY A 317 19.94 -2.24 -14.59
N GLU A 318 20.88 -3.16 -14.32
CA GLU A 318 21.15 -4.30 -15.19
C GLU A 318 19.96 -5.26 -15.37
N HIS A 319 18.93 -5.13 -14.53
CA HIS A 319 17.77 -6.04 -14.56
C HIS A 319 16.53 -5.46 -15.17
N ILE A 320 16.47 -4.13 -15.28
CA ILE A 320 15.22 -3.45 -15.68
C ILE A 320 14.68 -3.89 -17.04
N GLU A 321 15.55 -4.05 -18.03
CA GLU A 321 15.16 -4.55 -19.35
C GLU A 321 14.49 -5.92 -19.27
N GLY A 322 15.12 -6.85 -18.56
CA GLY A 322 14.59 -8.20 -18.40
C GLY A 322 13.25 -8.24 -17.68
N VAL A 323 13.08 -7.35 -16.70
CA VAL A 323 11.82 -7.21 -15.96
C VAL A 323 10.65 -6.81 -16.88
N LEU A 324 10.86 -5.77 -17.68
CA LEU A 324 9.83 -5.29 -18.61
C LEU A 324 9.48 -6.31 -19.69
N ARG A 325 10.50 -7.01 -20.19
CA ARG A 325 10.29 -8.04 -21.22
C ARG A 325 9.56 -9.25 -20.66
N GLN A 326 9.86 -9.62 -19.42
CA GLN A 326 9.24 -10.77 -18.78
C GLN A 326 7.96 -10.42 -18.01
N VAL A 327 7.42 -9.24 -18.26
CA VAL A 327 6.27 -8.73 -17.50
C VAL A 327 5.07 -9.69 -17.43
N ASN A 328 4.74 -10.34 -18.54
CA ASN A 328 3.61 -11.27 -18.57
C ASN A 328 3.88 -12.62 -17.89
N ARG A 329 5.09 -12.82 -17.37
CA ARG A 329 5.41 -14.02 -16.59
C ARG A 329 5.40 -13.74 -15.07
N LEU A 330 4.99 -12.53 -14.67
CA LEU A 330 5.07 -12.08 -13.28
C LEU A 330 3.86 -12.42 -12.40
N THR A 331 3.20 -13.55 -12.68
CA THR A 331 2.14 -14.07 -11.81
C THR A 331 2.68 -14.43 -10.43
N GLY A 332 1.99 -14.00 -9.39
CA GLY A 332 2.43 -14.22 -8.01
C GLY A 332 3.58 -13.30 -7.59
N CYS A 333 3.96 -12.39 -8.48
CA CYS A 333 5.07 -11.46 -8.26
C CYS A 333 4.52 -10.04 -8.15
N TYR A 334 4.89 -9.34 -7.09
CA TYR A 334 4.38 -8.00 -6.83
C TYR A 334 5.50 -6.98 -7.02
N LEU A 335 5.40 -6.26 -8.14
CA LEU A 335 6.44 -5.35 -8.64
C LEU A 335 6.39 -3.97 -8.00
N HIS A 336 7.56 -3.46 -7.63
CA HIS A 336 7.70 -2.11 -7.11
C HIS A 336 8.79 -1.42 -7.86
N LEU A 337 8.47 -0.27 -8.45
CA LEU A 337 9.47 0.50 -9.18
C LEU A 337 9.48 1.94 -8.67
N TYR A 338 10.69 2.47 -8.51
CA TYR A 338 10.91 3.68 -7.73
C TYR A 338 10.84 4.99 -8.52
N GLY A 339 10.71 4.91 -9.85
CA GLY A 339 10.58 6.11 -10.67
C GLY A 339 11.88 6.88 -10.88
N LYS A 340 13.01 6.20 -10.72
CA LYS A 340 14.30 6.84 -10.94
C LYS A 340 14.50 7.09 -12.43
N GLU A 341 14.98 8.29 -12.76
CA GLU A 341 15.09 8.77 -14.14
C GLU A 341 16.09 7.99 -14.99
N GLU A 342 17.23 7.63 -14.40
CA GLU A 342 18.30 6.96 -15.13
C GLU A 342 18.69 5.63 -14.50
N ALA A 343 18.72 4.59 -15.33
CA ALA A 343 19.24 3.30 -14.92
C ALA A 343 20.77 3.29 -14.99
N LYS A 344 21.40 2.96 -13.87
CA LYS A 344 22.82 2.63 -13.84
C LYS A 344 22.92 1.17 -13.40
N ALA A 345 23.92 0.45 -13.91
CA ALA A 345 24.04 -1.01 -13.74
C ALA A 345 23.70 -1.51 -12.33
N GLN A 346 24.32 -0.91 -11.32
CA GLN A 346 24.16 -1.38 -9.94
C GLN A 346 23.16 -0.55 -9.11
N ARG A 347 22.59 0.48 -9.72
CA ARG A 347 21.58 1.30 -9.04
C ARG A 347 20.28 0.49 -8.83
N LYS A 348 19.72 0.59 -7.63
CA LYS A 348 18.47 -0.07 -7.28
C LYS A 348 17.28 0.67 -7.89
N MET A 349 16.61 0.01 -8.83
CA MET A 349 15.50 0.63 -9.59
C MET A 349 14.15 0.22 -9.03
N GLY A 350 14.15 -0.86 -8.26
CA GLY A 350 12.93 -1.42 -7.70
C GLY A 350 13.19 -2.76 -7.05
N HIS A 351 12.10 -3.45 -6.72
CA HIS A 351 12.17 -4.80 -6.22
C HIS A 351 10.90 -5.52 -6.56
N VAL A 352 10.94 -6.84 -6.46
CA VAL A 352 9.74 -7.62 -6.65
C VAL A 352 9.57 -8.58 -5.47
N ASN A 353 8.35 -8.61 -4.93
CA ASN A 353 8.01 -9.52 -3.85
C ASN A 353 7.25 -10.72 -4.39
N ILE A 354 7.89 -11.87 -4.32
CA ILE A 354 7.32 -13.12 -4.83
C ILE A 354 6.67 -13.85 -3.66
N LEU A 355 5.34 -13.87 -3.65
CA LEU A 355 4.58 -14.50 -2.58
C LEU A 355 4.19 -15.91 -2.98
N ASN A 356 4.36 -16.86 -2.05
CA ASN A 356 3.98 -18.25 -2.25
C ASN A 356 3.92 -18.97 -0.92
N ASP A 357 3.01 -19.93 -0.79
CA ASP A 357 2.91 -20.76 0.42
C ASP A 357 4.22 -21.53 0.71
N ASN A 358 5.02 -21.71 -0.33
CA ASN A 358 6.26 -22.46 -0.23
C ASN A 358 7.45 -21.62 -0.70
N ILE A 359 8.40 -21.39 0.21
CA ILE A 359 9.57 -20.56 -0.08
C ILE A 359 10.37 -21.07 -1.29
N GLU A 360 10.58 -22.38 -1.37
CA GLU A 360 11.37 -22.96 -2.45
C GLU A 360 10.73 -22.70 -3.83
N VAL A 361 9.40 -22.75 -3.89
CA VAL A 361 8.69 -22.41 -5.12
C VAL A 361 8.91 -20.93 -5.49
N ALA A 362 8.82 -20.04 -4.50
CA ALA A 362 9.12 -18.63 -4.71
C ALA A 362 10.54 -18.46 -5.27
N LEU A 363 11.52 -19.13 -4.64
CA LEU A 363 12.91 -19.11 -5.11
C LEU A 363 13.04 -19.65 -6.53
N GLU A 364 12.34 -20.74 -6.82
CA GLU A 364 12.33 -21.31 -8.17
C GLU A 364 11.74 -20.37 -9.21
N LYS A 365 10.72 -19.60 -8.81
CA LYS A 365 10.13 -18.58 -9.67
C LYS A 365 11.17 -17.54 -10.10
N ALA A 366 11.93 -17.01 -9.13
CA ALA A 366 13.00 -16.06 -9.44
C ALA A 366 13.95 -16.62 -10.49
N LYS A 367 14.39 -17.86 -10.29
CA LYS A 367 15.28 -18.56 -11.22
C LYS A 367 14.66 -18.68 -12.61
N SER A 368 13.44 -19.23 -12.66
CA SER A 368 12.76 -19.54 -13.92
C SER A 368 12.49 -18.29 -14.77
N LEU A 369 12.44 -17.13 -14.12
CA LEU A 369 12.27 -15.86 -14.81
C LEU A 369 13.49 -15.49 -15.67
N HIS A 370 14.65 -16.02 -15.29
CA HIS A 370 15.93 -15.75 -15.99
C HIS A 370 16.27 -14.28 -16.13
N ILE A 371 15.91 -13.49 -15.12
CA ILE A 371 16.24 -12.07 -15.09
C ILE A 371 17.55 -11.84 -14.33
N TRP A 372 17.79 -12.67 -13.31
CA TRP A 372 18.94 -12.50 -12.42
C TRP A 372 19.98 -13.58 -12.61
N ASP A 373 20.20 -13.98 -13.86
CA ASP A 373 21.17 -15.03 -14.20
C ASP A 373 22.59 -14.67 -13.76
N HIS A 374 22.93 -13.39 -13.90
CA HIS A 374 24.20 -12.83 -13.41
C HIS A 374 24.42 -13.14 -11.94
N GLN A 375 23.44 -12.77 -11.12
CA GLN A 375 23.49 -13.03 -9.67
C GLN A 375 23.53 -14.52 -9.37
N GLU A 376 22.68 -15.29 -10.06
CA GLU A 376 22.62 -16.75 -9.91
C GLU A 376 23.95 -17.43 -10.18
N GLN A 377 24.64 -17.01 -11.24
CA GLN A 377 25.94 -17.58 -11.59
C GLN A 377 27.01 -17.27 -10.56
N LEU A 378 26.99 -16.04 -10.03
CA LEU A 378 27.97 -15.63 -9.01
C LEU A 378 27.78 -16.40 -7.72
N LEU A 379 26.53 -16.79 -7.44
CA LEU A 379 26.20 -17.65 -6.31
C LEU A 379 26.63 -19.09 -6.54
N GLU A 380 26.65 -19.51 -7.80
CA GLU A 380 27.19 -20.82 -8.17
C GLU A 380 28.69 -20.72 -8.39
N MET B 1 -6.83 -8.39 -26.71
CA MET B 1 -5.58 -7.79 -27.25
C MET B 1 -4.36 -8.19 -26.43
N THR B 2 -3.18 -7.94 -27.00
CA THR B 2 -1.92 -8.20 -26.33
C THR B 2 -1.19 -6.87 -26.10
N ARG B 3 -1.94 -5.78 -26.11
CA ARG B 3 -1.38 -4.47 -25.79
C ARG B 3 -1.09 -4.39 -24.30
N ILE B 4 0.15 -4.06 -23.97
CA ILE B 4 0.59 -3.91 -22.58
C ILE B 4 1.02 -2.46 -22.35
N ILE B 5 0.54 -1.86 -21.25
CA ILE B 5 1.04 -0.55 -20.83
C ILE B 5 2.07 -0.80 -19.72
N LEU B 6 3.33 -0.55 -20.03
CA LEU B 6 4.44 -0.88 -19.13
C LEU B 6 4.63 0.17 -18.02
N PRO B 7 5.14 -0.26 -16.85
CA PRO B 7 5.51 0.69 -15.80
C PRO B 7 6.45 1.75 -16.35
N GLY B 8 6.28 2.99 -15.90
CA GLY B 8 7.01 4.13 -16.44
C GLY B 8 6.13 4.99 -17.33
N LYS B 9 5.04 4.39 -17.82
CA LYS B 9 4.07 5.11 -18.64
C LYS B 9 3.07 5.90 -17.79
N THR B 10 2.34 6.80 -18.43
CA THR B 10 1.40 7.67 -17.73
C THR B 10 -0.03 7.14 -17.85
N ILE B 11 -0.67 6.94 -16.70
CA ILE B 11 -2.07 6.56 -16.64
C ILE B 11 -2.91 7.82 -16.37
N GLY B 12 -3.88 8.06 -17.24
CA GLY B 12 -4.79 9.18 -17.08
C GLY B 12 -6.07 8.72 -16.43
N ILE B 13 -6.52 9.47 -15.41
CA ILE B 13 -7.76 9.16 -14.72
C ILE B 13 -8.75 10.32 -14.87
N ILE B 14 -9.96 10.01 -15.31
CA ILE B 14 -11.05 10.98 -15.31
C ILE B 14 -11.80 10.85 -13.99
N GLY B 15 -11.73 11.91 -13.18
CA GLY B 15 -12.34 11.89 -11.84
C GLY B 15 -11.26 11.89 -10.77
N GLY B 16 -11.33 12.85 -9.86
CA GLY B 16 -10.27 13.04 -8.86
C GLY B 16 -10.64 12.64 -7.44
N GLY B 17 -11.70 11.86 -7.27
CA GLY B 17 -12.16 11.46 -5.93
C GLY B 17 -11.26 10.40 -5.30
N GLN B 18 -11.71 9.83 -4.19
CA GLN B 18 -10.88 8.88 -3.44
C GLN B 18 -10.53 7.63 -4.24
N LEU B 19 -11.42 7.21 -5.14
CA LEU B 19 -11.18 5.99 -5.92
C LEU B 19 -10.00 6.18 -6.87
N GLY B 20 -9.94 7.35 -7.49
CA GLY B 20 -8.80 7.72 -8.34
C GLY B 20 -7.52 7.88 -7.53
N ARG B 21 -7.63 8.45 -6.33
CA ARG B 21 -6.48 8.61 -5.45
C ARG B 21 -5.88 7.25 -5.11
N MET B 22 -6.73 6.30 -4.78
CA MET B 22 -6.26 4.96 -4.42
C MET B 22 -5.74 4.16 -5.62
N MET B 23 -6.32 4.39 -6.80
CA MET B 23 -5.74 3.88 -8.06
C MET B 23 -4.33 4.43 -8.26
N ALA B 24 -4.19 5.74 -8.06
CA ALA B 24 -2.92 6.43 -8.29
C ALA B 24 -1.80 5.96 -7.35
N LEU B 25 -2.14 5.76 -6.07
CA LEU B 25 -1.18 5.26 -5.09
C LEU B 25 -0.64 3.87 -5.45
N ALA B 26 -1.56 2.97 -5.83
CA ALA B 26 -1.21 1.63 -6.30
C ALA B 26 -0.42 1.68 -7.60
N ALA B 27 -0.77 2.61 -8.49
CA ALA B 27 -0.03 2.78 -9.74
C ALA B 27 1.40 3.26 -9.49
N LYS B 28 1.55 4.19 -8.54
CA LYS B 28 2.85 4.76 -8.21
C LYS B 28 3.84 3.76 -7.62
N GLU B 29 3.35 2.80 -6.85
CA GLU B 29 4.19 1.73 -6.31
C GLU B 29 4.84 0.91 -7.41
N MET B 30 4.12 0.73 -8.51
CA MET B 30 4.62 0.02 -9.68
C MET B 30 5.43 0.90 -10.63
N GLY B 31 5.54 2.19 -10.32
CA GLY B 31 6.36 3.13 -11.11
C GLY B 31 5.65 3.80 -12.28
N TYR B 32 4.32 3.81 -12.23
CA TYR B 32 3.53 4.56 -13.21
C TYR B 32 3.47 6.02 -12.85
N LYS B 33 3.35 6.88 -13.86
CA LYS B 33 3.05 8.29 -13.65
C LYS B 33 1.53 8.48 -13.75
N ILE B 34 1.02 9.53 -13.11
CA ILE B 34 -0.43 9.76 -13.08
C ILE B 34 -0.79 11.18 -13.50
N ALA B 35 -1.80 11.27 -14.37
CA ALA B 35 -2.47 12.51 -14.72
C ALA B 35 -3.94 12.38 -14.34
N VAL B 36 -4.53 13.46 -13.85
CA VAL B 36 -5.93 13.44 -13.44
C VAL B 36 -6.71 14.66 -13.95
N LEU B 37 -7.97 14.43 -14.30
CA LEU B 37 -8.90 15.49 -14.66
C LEU B 37 -10.03 15.53 -13.65
N ASP B 38 -10.22 16.69 -13.02
CA ASP B 38 -11.27 16.90 -12.04
C ASP B 38 -11.69 18.38 -12.05
N PRO B 39 -13.00 18.66 -11.90
CA PRO B 39 -13.49 20.04 -11.95
C PRO B 39 -13.06 20.92 -10.78
N THR B 40 -12.56 20.31 -9.71
CA THR B 40 -12.14 21.05 -8.52
C THR B 40 -10.64 20.88 -8.29
N LYS B 41 -9.99 21.99 -7.97
CA LYS B 41 -8.57 22.04 -7.65
C LYS B 41 -8.25 21.28 -6.35
N ASN B 42 -7.06 20.69 -6.27
CA ASN B 42 -6.58 20.00 -5.08
C ASN B 42 -7.43 18.79 -4.66
N SER B 43 -7.99 18.07 -5.64
CA SER B 43 -8.79 16.87 -5.38
C SER B 43 -7.97 15.75 -4.72
N PRO B 44 -8.64 14.77 -4.08
CA PRO B 44 -7.94 13.64 -3.47
C PRO B 44 -6.91 12.99 -4.41
N CYS B 45 -7.25 12.83 -5.68
CA CYS B 45 -6.34 12.22 -6.65
C CYS B 45 -5.23 13.15 -7.10
N ALA B 46 -5.53 14.45 -7.23
CA ALA B 46 -4.52 15.44 -7.62
C ALA B 46 -3.39 15.58 -6.59
N GLN B 47 -3.70 15.25 -5.33
CA GLN B 47 -2.70 15.29 -4.26
C GLN B 47 -1.63 14.20 -4.40
N VAL B 48 -1.91 13.22 -5.26
CA VAL B 48 -0.96 12.13 -5.53
C VAL B 48 -0.44 12.14 -6.97
N ALA B 49 -1.19 12.76 -7.88
CA ALA B 49 -0.90 12.73 -9.31
C ALA B 49 0.26 13.63 -9.71
N ASP B 50 0.91 13.30 -10.83
CA ASP B 50 2.01 14.08 -11.36
C ASP B 50 1.49 15.28 -12.13
N ILE B 51 0.38 15.08 -12.85
CA ILE B 51 -0.25 16.14 -13.64
C ILE B 51 -1.72 16.31 -13.24
N GLU B 52 -2.10 17.56 -13.01
CA GLU B 52 -3.47 17.90 -12.68
C GLU B 52 -4.06 18.80 -13.77
N ILE B 53 -5.21 18.38 -14.31
CA ILE B 53 -6.01 19.20 -15.21
C ILE B 53 -7.32 19.54 -14.53
N VAL B 54 -7.52 20.82 -14.23
CA VAL B 54 -8.75 21.30 -13.63
C VAL B 54 -9.74 21.72 -14.74
N ALA B 55 -10.83 20.98 -14.87
CA ALA B 55 -11.81 21.20 -15.94
C ALA B 55 -13.08 20.38 -15.73
N SER B 56 -14.16 20.79 -16.39
CA SER B 56 -15.42 20.04 -16.37
C SER B 56 -15.27 18.70 -17.08
N TYR B 57 -16.10 17.73 -16.71
CA TYR B 57 -16.07 16.40 -17.32
C TYR B 57 -16.57 16.39 -18.77
N ASP B 58 -17.16 17.51 -19.21
CA ASP B 58 -17.64 17.64 -20.60
C ASP B 58 -16.74 18.53 -21.47
N ASP B 59 -15.79 19.21 -20.85
CA ASP B 59 -14.82 20.04 -21.60
C ASP B 59 -13.97 19.16 -22.52
N LEU B 60 -14.36 19.10 -23.79
CA LEU B 60 -13.74 18.21 -24.77
C LEU B 60 -12.24 18.45 -24.92
N LYS B 61 -11.84 19.71 -24.97
CA LYS B 61 -10.43 20.07 -25.13
C LYS B 61 -9.56 19.66 -23.94
N ALA B 62 -10.16 19.60 -22.75
CA ALA B 62 -9.47 19.13 -21.55
C ALA B 62 -9.32 17.62 -21.57
N ILE B 63 -10.39 16.92 -21.95
CA ILE B 63 -10.37 15.47 -22.16
C ILE B 63 -9.33 15.13 -23.23
N GLN B 64 -9.28 15.98 -24.26
CA GLN B 64 -8.30 15.84 -25.34
C GLN B 64 -6.89 16.03 -24.80
N HIS B 65 -6.72 17.00 -23.90
CA HIS B 65 -5.43 17.29 -23.29
C HIS B 65 -4.94 16.14 -22.44
N LEU B 66 -5.87 15.52 -21.71
CA LEU B 66 -5.57 14.34 -20.89
C LEU B 66 -5.15 13.15 -21.73
N ALA B 67 -5.87 12.90 -22.82
CA ALA B 67 -5.56 11.81 -23.76
C ALA B 67 -4.17 11.96 -24.36
N GLU B 68 -3.78 13.20 -24.65
CA GLU B 68 -2.48 13.50 -25.25
C GLU B 68 -1.32 13.20 -24.31
N ILE B 69 -1.52 13.47 -23.02
CA ILE B 69 -0.46 13.28 -22.03
C ILE B 69 -0.51 11.92 -21.31
N SER B 70 -1.42 11.04 -21.75
CA SER B 70 -1.59 9.72 -21.17
C SER B 70 -1.34 8.61 -22.18
N ASP B 71 -0.80 7.50 -21.71
CA ASP B 71 -0.59 6.32 -22.53
C ASP B 71 -1.78 5.37 -22.43
N VAL B 72 -2.57 5.58 -21.38
CA VAL B 72 -3.81 4.85 -21.16
C VAL B 72 -4.70 5.74 -20.29
N VAL B 73 -6.00 5.65 -20.52
CA VAL B 73 -6.97 6.46 -19.79
C VAL B 73 -7.97 5.53 -19.11
N THR B 74 -8.31 5.86 -17.87
CA THR B 74 -9.34 5.14 -17.13
C THR B 74 -10.28 6.14 -16.48
N TYR B 75 -11.46 5.68 -16.09
CA TYR B 75 -12.39 6.55 -15.41
C TYR B 75 -12.63 6.11 -13.98
N GLU B 76 -13.07 7.07 -13.18
CA GLU B 76 -13.29 6.87 -11.78
C GLU B 76 -14.70 7.38 -11.49
N PHE B 77 -15.01 8.56 -12.03
CA PHE B 77 -16.35 9.15 -11.98
C PHE B 77 -17.32 8.27 -12.77
N GLU B 78 -18.33 7.76 -12.08
CA GLU B 78 -19.30 6.82 -12.67
C GLU B 78 -20.38 7.53 -13.48
N ASN B 79 -20.52 8.84 -13.28
CA ASN B 79 -21.52 9.65 -13.97
C ASN B 79 -20.94 10.51 -15.08
N ILE B 80 -19.90 10.00 -15.74
CA ILE B 80 -19.17 10.76 -16.77
C ILE B 80 -20.01 11.03 -18.02
N ASP B 81 -19.74 12.18 -18.64
CA ASP B 81 -20.52 12.75 -19.74
C ASP B 81 -21.08 11.71 -20.73
N TYR B 82 -20.26 10.71 -21.07
CA TYR B 82 -20.58 9.76 -22.14
C TYR B 82 -20.55 10.49 -23.49
N ARG B 83 -20.18 9.77 -24.55
CA ARG B 83 -19.81 10.37 -25.85
C ARG B 83 -18.38 10.87 -25.78
N CYS B 84 -17.99 11.41 -24.62
CA CYS B 84 -16.61 11.74 -24.32
C CYS B 84 -15.79 10.47 -24.25
N LEU B 85 -16.42 9.40 -23.76
CA LEU B 85 -15.84 8.07 -23.76
C LEU B 85 -15.77 7.49 -25.18
N GLN B 86 -16.75 7.85 -26.01
CA GLN B 86 -16.76 7.44 -27.41
C GLN B 86 -15.67 8.16 -28.23
N TRP B 87 -15.32 9.37 -27.80
CA TRP B 87 -14.18 10.08 -28.38
C TRP B 87 -12.90 9.43 -27.94
N LEU B 88 -12.82 9.10 -26.65
CA LEU B 88 -11.61 8.51 -26.07
C LEU B 88 -11.27 7.13 -26.64
N GLU B 89 -12.28 6.27 -26.82
CA GLU B 89 -12.02 4.92 -27.30
C GLU B 89 -11.63 4.86 -28.77
N LYS B 90 -11.91 5.92 -29.51
CA LYS B 90 -11.59 5.99 -30.93
C LYS B 90 -10.31 6.77 -31.23
N HIS B 91 -9.99 7.77 -30.41
CA HIS B 91 -8.82 8.63 -30.65
C HIS B 91 -7.76 8.51 -29.59
N ALA B 92 -8.01 7.66 -28.59
CA ALA B 92 -7.02 7.36 -27.55
C ALA B 92 -7.19 5.91 -27.12
N TYR B 93 -6.56 5.53 -26.00
CA TYR B 93 -6.67 4.16 -25.52
C TYR B 93 -7.48 4.10 -24.22
N LEU B 94 -8.71 3.62 -24.36
CA LEU B 94 -9.62 3.41 -23.24
C LEU B 94 -10.06 1.94 -23.25
N PRO B 95 -9.19 1.03 -22.75
CA PRO B 95 -9.43 -0.42 -22.83
C PRO B 95 -10.74 -0.86 -22.20
N GLN B 96 -11.23 -0.12 -21.21
CA GLN B 96 -12.53 -0.41 -20.60
C GLN B 96 -13.68 -0.28 -21.58
N GLY B 97 -13.56 0.66 -22.53
CA GLY B 97 -14.62 0.94 -23.49
C GLY B 97 -15.74 1.80 -22.89
N SER B 98 -16.71 2.16 -23.72
CA SER B 98 -17.82 3.00 -23.30
C SER B 98 -19.11 2.21 -23.05
N GLN B 99 -19.21 1.04 -23.68
CA GLN B 99 -20.45 0.27 -23.68
C GLN B 99 -20.92 -0.22 -22.32
N LEU B 100 -19.98 -0.69 -21.49
CA LEU B 100 -20.36 -1.22 -20.18
C LEU B 100 -20.86 -0.11 -19.25
N LEU B 101 -20.14 1.01 -19.26
CA LEU B 101 -20.48 2.16 -18.43
C LEU B 101 -21.87 2.71 -18.77
N SER B 102 -22.16 2.88 -20.06
CA SER B 102 -23.45 3.38 -20.51
C SER B 102 -24.61 2.47 -20.09
N LYS B 103 -24.38 1.17 -20.10
CA LYS B 103 -25.37 0.20 -19.64
C LYS B 103 -25.67 0.33 -18.14
N THR B 104 -24.62 0.62 -17.35
CA THR B 104 -24.75 0.68 -15.90
C THR B 104 -25.24 2.05 -15.39
N GLN B 105 -25.17 3.05 -16.24
CA GLN B 105 -25.62 4.41 -15.91
C GLN B 105 -27.14 4.58 -15.80
N ASN B 106 -27.88 3.64 -16.40
CA ASN B 106 -29.33 3.66 -16.40
C ASN B 106 -29.86 2.35 -15.82
N ARG B 107 -30.61 2.43 -14.71
CA ARG B 107 -31.09 1.23 -14.01
C ARG B 107 -31.92 0.27 -14.88
N PHE B 108 -32.70 0.83 -15.80
CA PHE B 108 -33.55 0.03 -16.68
C PHE B 108 -32.70 -0.77 -17.66
N THR B 109 -31.76 -0.08 -18.31
CA THR B 109 -30.77 -0.69 -19.20
C THR B 109 -29.91 -1.70 -18.44
N GLU B 110 -29.55 -1.35 -17.20
CA GLU B 110 -28.79 -2.23 -16.32
C GLU B 110 -29.53 -3.55 -16.05
N LYS B 111 -30.82 -3.45 -15.70
CA LYS B 111 -31.66 -4.63 -15.45
C LYS B 111 -31.75 -5.55 -16.66
N ASN B 112 -31.92 -4.96 -17.84
CA ASN B 112 -31.93 -5.70 -19.11
C ASN B 112 -30.66 -6.52 -19.33
N ALA B 113 -29.51 -5.88 -19.15
CA ALA B 113 -28.20 -6.53 -19.29
C ALA B 113 -28.07 -7.73 -18.36
N ILE B 114 -28.42 -7.55 -17.09
CA ILE B 114 -28.38 -8.65 -16.10
C ILE B 114 -29.30 -9.80 -16.50
N GLU B 115 -30.53 -9.48 -16.90
CA GLU B 115 -31.50 -10.49 -17.34
C GLU B 115 -31.01 -11.24 -18.58
N LYS B 116 -30.39 -10.52 -19.50
CA LYS B 116 -29.87 -11.12 -20.72
C LYS B 116 -28.62 -11.95 -20.48
N ALA B 117 -28.00 -11.76 -19.31
CA ALA B 117 -26.92 -12.62 -18.86
C ALA B 117 -27.47 -13.86 -18.15
N GLY B 118 -28.79 -13.86 -17.92
CA GLY B 118 -29.48 -15.01 -17.35
C GLY B 118 -29.65 -15.01 -15.84
N LEU B 119 -29.32 -13.88 -15.21
CA LEU B 119 -29.34 -13.79 -13.75
C LEU B 119 -30.59 -13.09 -13.21
N PRO B 120 -31.01 -13.43 -11.97
CA PRO B 120 -32.22 -12.87 -11.38
C PRO B 120 -32.06 -11.44 -10.88
N VAL B 121 -33.15 -10.67 -11.02
CA VAL B 121 -33.27 -9.32 -10.47
C VAL B 121 -34.61 -9.20 -9.77
N ALA B 122 -34.78 -8.19 -8.93
CA ALA B 122 -36.09 -7.87 -8.40
C ALA B 122 -37.01 -7.48 -9.57
N THR B 123 -38.25 -8.00 -9.54
CA THR B 123 -39.23 -7.71 -10.59
C THR B 123 -39.46 -6.20 -10.65
N TYR B 124 -39.41 -5.65 -11.85
CA TYR B 124 -39.38 -4.21 -12.03
C TYR B 124 -40.24 -3.76 -13.21
N ARG B 125 -40.67 -2.49 -13.17
CA ARG B 125 -41.36 -1.84 -14.29
C ARG B 125 -40.83 -0.44 -14.49
N LEU B 126 -40.73 -0.01 -15.74
CA LEU B 126 -40.37 1.36 -16.09
C LEU B 126 -41.54 2.31 -15.79
N VAL B 127 -41.23 3.47 -15.22
CA VAL B 127 -42.25 4.46 -14.83
C VAL B 127 -41.84 5.84 -15.35
N GLN B 128 -42.67 6.38 -16.25
CA GLN B 128 -42.40 7.68 -16.90
C GLN B 128 -43.50 8.73 -16.66
N ASN B 129 -44.62 8.30 -16.09
CA ASN B 129 -45.72 9.20 -15.72
C ASN B 129 -46.55 8.57 -14.61
N GLN B 130 -47.60 9.27 -14.18
CA GLN B 130 -48.42 8.80 -13.07
C GLN B 130 -49.24 7.57 -13.41
N GLU B 131 -49.70 7.48 -14.66
CA GLU B 131 -50.47 6.31 -15.11
C GLU B 131 -49.60 5.04 -15.01
N GLN B 132 -48.37 5.11 -15.50
CA GLN B 132 -47.45 3.97 -15.42
C GLN B 132 -47.06 3.62 -13.98
N LEU B 133 -46.89 4.63 -13.11
CA LEU B 133 -46.69 4.37 -11.67
C LEU B 133 -47.88 3.61 -11.09
N THR B 134 -49.08 4.11 -11.35
CA THR B 134 -50.31 3.45 -10.89
C THR B 134 -50.39 1.98 -11.35
N GLU B 135 -50.09 1.73 -12.63
CA GLU B 135 -50.12 0.36 -13.17
C GLU B 135 -49.04 -0.53 -12.57
N ALA B 136 -47.86 0.05 -12.35
CA ALA B 136 -46.73 -0.68 -11.76
C ALA B 136 -47.03 -1.08 -10.32
N ILE B 137 -47.61 -0.17 -9.54
CA ILE B 137 -48.01 -0.46 -8.17
C ILE B 137 -49.07 -1.58 -8.14
N ALA B 138 -50.03 -1.51 -9.06
CA ALA B 138 -51.05 -2.55 -9.18
C ALA B 138 -50.43 -3.93 -9.45
N GLU B 139 -49.45 -3.96 -10.35
CA GLU B 139 -48.79 -5.21 -10.74
C GLU B 139 -47.85 -5.76 -9.68
N LEU B 140 -47.01 -4.89 -9.10
CA LEU B 140 -45.97 -5.34 -8.17
C LEU B 140 -46.42 -5.38 -6.70
N SER B 141 -47.37 -4.52 -6.35
CA SER B 141 -47.90 -4.44 -4.98
C SER B 141 -46.83 -3.97 -3.96
N TYR B 142 -47.16 -4.13 -2.68
CA TYR B 142 -46.30 -3.72 -1.56
C TYR B 142 -45.66 -4.94 -0.86
N PRO B 143 -44.43 -4.79 -0.34
CA PRO B 143 -43.60 -3.58 -0.38
C PRO B 143 -42.83 -3.44 -1.70
N SER B 144 -42.57 -2.20 -2.12
CA SER B 144 -41.81 -1.96 -3.34
C SER B 144 -40.99 -0.67 -3.20
N VAL B 145 -40.08 -0.45 -4.14
CA VAL B 145 -39.23 0.75 -4.10
C VAL B 145 -39.15 1.42 -5.47
N LEU B 146 -39.38 2.73 -5.47
CA LEU B 146 -39.27 3.51 -6.70
C LEU B 146 -37.90 4.18 -6.73
N LYS B 147 -37.16 3.98 -7.81
CA LYS B 147 -35.81 4.54 -7.96
C LYS B 147 -35.67 5.25 -9.29
N THR B 148 -35.03 6.42 -9.27
CA THR B 148 -34.66 7.11 -10.51
C THR B 148 -33.71 6.21 -11.30
N THR B 149 -33.92 6.15 -12.60
CA THR B 149 -33.05 5.34 -13.48
C THR B 149 -31.61 5.88 -13.57
N THR B 150 -31.44 7.20 -13.42
CA THR B 150 -30.11 7.82 -13.49
C THR B 150 -29.83 8.70 -12.27
N GLY B 151 -28.55 8.83 -11.92
CA GLY B 151 -28.11 9.79 -10.91
C GLY B 151 -28.21 9.34 -9.46
N GLY B 152 -28.65 8.10 -9.24
CA GLY B 152 -28.83 7.59 -7.88
C GLY B 152 -27.56 7.11 -7.19
N TYR B 153 -27.22 7.72 -6.07
CA TYR B 153 -26.15 7.26 -5.17
C TYR B 153 -26.56 7.61 -3.74
N ASP B 154 -26.00 6.89 -2.77
CA ASP B 154 -26.34 7.10 -1.35
C ASP B 154 -27.85 7.04 -1.08
N GLY B 155 -28.59 6.30 -1.91
CA GLY B 155 -30.03 6.15 -1.73
C GLY B 155 -30.86 7.33 -2.19
N LYS B 156 -30.20 8.33 -2.77
CA LYS B 156 -30.88 9.51 -3.34
C LYS B 156 -31.79 9.12 -4.49
N GLY B 157 -32.93 9.80 -4.59
CA GLY B 157 -33.89 9.54 -5.68
C GLY B 157 -34.58 8.21 -5.54
N GLN B 158 -34.91 7.84 -4.30
CA GLN B 158 -35.63 6.61 -4.02
C GLN B 158 -36.76 6.84 -3.04
N VAL B 159 -37.86 6.13 -3.25
CA VAL B 159 -38.97 6.12 -2.31
C VAL B 159 -39.37 4.66 -2.08
N VAL B 160 -39.35 4.23 -0.82
CA VAL B 160 -39.81 2.89 -0.47
C VAL B 160 -41.31 2.93 -0.20
N LEU B 161 -42.06 2.09 -0.91
CA LEU B 161 -43.50 2.01 -0.74
C LEU B 161 -43.82 0.77 0.12
N ARG B 162 -44.07 0.99 1.40
CA ARG B 162 -44.45 -0.08 2.31
C ARG B 162 -45.96 -0.29 2.29
N SER B 163 -46.69 0.81 2.13
CA SER B 163 -48.14 0.76 1.97
C SER B 163 -48.61 1.91 1.08
N GLU B 164 -49.92 1.98 0.88
CA GLU B 164 -50.57 3.02 0.09
C GLU B 164 -50.23 4.43 0.55
N ALA B 165 -49.91 4.58 1.84
CA ALA B 165 -49.60 5.86 2.44
C ALA B 165 -48.31 6.50 1.87
N ASP B 166 -47.47 5.68 1.24
CA ASP B 166 -46.19 6.13 0.70
C ASP B 166 -46.28 6.60 -0.76
N VAL B 167 -47.45 6.38 -1.37
CA VAL B 167 -47.67 6.66 -2.78
C VAL B 167 -47.51 8.16 -3.12
N ASP B 168 -47.99 9.03 -2.24
CA ASP B 168 -47.87 10.49 -2.45
C ASP B 168 -46.42 10.91 -2.69
N GLU B 169 -45.51 10.44 -1.83
CA GLU B 169 -44.09 10.75 -1.96
C GLU B 169 -43.53 10.15 -3.26
N ALA B 170 -43.93 8.92 -3.57
CA ALA B 170 -43.55 8.26 -4.83
C ALA B 170 -44.04 9.01 -6.07
N ARG B 171 -45.25 9.56 -6.01
CA ARG B 171 -45.79 10.33 -7.14
C ARG B 171 -44.93 11.57 -7.43
N LYS B 172 -44.48 12.25 -6.38
CA LYS B 172 -43.60 13.43 -6.54
C LYS B 172 -42.29 13.06 -7.24
N LEU B 173 -41.72 11.92 -6.85
CA LEU B 173 -40.49 11.42 -7.46
C LEU B 173 -40.69 11.08 -8.94
N ALA B 174 -41.79 10.38 -9.23
CA ALA B 174 -42.10 9.98 -10.61
C ALA B 174 -42.24 11.18 -11.56
N ASN B 175 -42.77 12.30 -11.07
CA ASN B 175 -42.87 13.51 -11.90
C ASN B 175 -41.49 14.14 -12.15
N ALA B 176 -40.62 14.07 -11.15
CA ALA B 176 -39.28 14.67 -11.22
C ALA B 176 -38.36 13.99 -12.23
N ALA B 177 -38.50 12.67 -12.39
CA ALA B 177 -37.55 11.89 -13.19
C ALA B 177 -38.09 10.53 -13.60
N GLU B 178 -37.57 10.02 -14.71
CA GLU B 178 -37.79 8.63 -15.11
C GLU B 178 -37.32 7.70 -14.00
N CYS B 179 -38.13 6.68 -13.72
CA CYS B 179 -37.90 5.78 -12.60
C CYS B 179 -38.19 4.35 -12.98
N ILE B 180 -37.71 3.42 -12.16
CA ILE B 180 -38.21 2.04 -12.16
C ILE B 180 -38.83 1.74 -10.80
N LEU B 181 -39.94 1.03 -10.82
CA LEU B 181 -40.48 0.47 -9.61
C LEU B 181 -40.07 -1.00 -9.59
N GLU B 182 -39.52 -1.45 -8.48
CA GLU B 182 -39.17 -2.86 -8.33
C GLU B 182 -39.67 -3.40 -7.00
N LYS B 183 -39.91 -4.71 -6.94
CA LYS B 183 -40.31 -5.36 -5.69
C LYS B 183 -39.21 -5.21 -4.63
N TRP B 184 -39.62 -5.03 -3.39
CA TRP B 184 -38.70 -4.96 -2.25
C TRP B 184 -38.36 -6.36 -1.80
N VAL B 185 -37.08 -6.71 -1.91
CA VAL B 185 -36.61 -8.06 -1.54
C VAL B 185 -36.34 -8.13 -0.04
N PRO B 186 -36.95 -9.13 0.65
CA PRO B 186 -36.77 -9.25 2.10
C PRO B 186 -35.51 -10.07 2.46
N PHE B 187 -34.36 -9.64 1.94
CA PHE B 187 -33.11 -10.40 2.07
C PHE B 187 -32.69 -10.65 3.51
N GLU B 188 -31.90 -11.70 3.69
CA GLU B 188 -31.24 -11.97 4.97
C GLU B 188 -29.93 -11.18 5.08
N LYS B 189 -29.19 -11.10 3.97
CA LYS B 189 -27.92 -10.38 3.90
C LYS B 189 -27.68 -9.75 2.52
N GLU B 190 -27.01 -8.60 2.50
CA GLU B 190 -26.47 -8.01 1.27
C GLU B 190 -25.02 -8.42 1.14
N VAL B 191 -24.63 -8.88 -0.05
CA VAL B 191 -23.25 -9.21 -0.32
C VAL B 191 -22.79 -8.52 -1.60
N SER B 192 -21.49 -8.41 -1.78
CA SER B 192 -20.92 -7.91 -3.01
C SER B 192 -19.70 -8.72 -3.41
N VAL B 193 -19.48 -8.80 -4.71
CA VAL B 193 -18.36 -9.49 -5.27
C VAL B 193 -17.68 -8.55 -6.25
N ILE B 194 -16.36 -8.43 -6.13
CA ILE B 194 -15.57 -7.62 -7.03
C ILE B 194 -14.89 -8.56 -8.01
N VAL B 195 -15.21 -8.40 -9.29
CA VAL B 195 -14.59 -9.23 -10.31
C VAL B 195 -13.69 -8.36 -11.17
N ILE B 196 -12.52 -8.92 -11.52
CA ILE B 196 -11.54 -8.22 -12.34
C ILE B 196 -11.29 -9.01 -13.62
N ARG B 197 -11.21 -8.31 -14.74
CA ARG B 197 -10.84 -8.96 -15.98
C ARG B 197 -9.89 -8.06 -16.75
N SER B 198 -8.75 -8.63 -17.16
CA SER B 198 -7.75 -7.86 -17.85
C SER B 198 -8.04 -7.80 -19.35
N VAL B 199 -7.28 -6.94 -20.04
CA VAL B 199 -7.33 -6.79 -21.48
C VAL B 199 -7.20 -8.14 -22.20
N SER B 200 -6.31 -9.00 -21.72
CA SER B 200 -6.11 -10.32 -22.34
C SER B 200 -7.14 -11.36 -21.88
N GLY B 201 -8.04 -10.96 -20.98
CA GLY B 201 -9.14 -11.82 -20.57
C GLY B 201 -8.93 -12.65 -19.32
N GLU B 202 -7.80 -12.45 -18.63
CA GLU B 202 -7.58 -13.12 -17.34
C GLU B 202 -8.58 -12.59 -16.33
N THR B 203 -9.16 -13.49 -15.54
CA THR B 203 -10.25 -13.15 -14.64
C THR B 203 -9.99 -13.61 -13.20
N LYS B 204 -10.03 -12.65 -12.27
CA LYS B 204 -9.91 -12.94 -10.85
C LYS B 204 -11.12 -12.40 -10.11
N VAL B 205 -11.53 -13.11 -9.08
CA VAL B 205 -12.67 -12.71 -8.28
C VAL B 205 -12.21 -12.56 -6.83
N PHE B 206 -12.62 -11.48 -6.18
CA PHE B 206 -12.31 -11.29 -4.78
C PHE B 206 -13.27 -12.09 -3.91
N PRO B 207 -12.91 -12.32 -2.63
CA PRO B 207 -13.83 -12.98 -1.70
C PRO B 207 -15.13 -12.20 -1.52
N VAL B 208 -16.21 -12.92 -1.22
CA VAL B 208 -17.52 -12.30 -1.03
C VAL B 208 -17.56 -11.49 0.27
N ALA B 209 -17.99 -10.23 0.15
CA ALA B 209 -18.12 -9.34 1.29
C ALA B 209 -19.57 -9.22 1.70
N GLU B 210 -19.81 -9.28 3.01
CA GLU B 210 -21.13 -8.99 3.58
C GLU B 210 -21.19 -7.50 3.92
N ASN B 211 -22.19 -6.82 3.36
CA ASN B 211 -22.30 -5.36 3.47
C ASN B 211 -23.48 -4.88 4.32
N ILE B 212 -23.23 -3.91 5.18
CA ILE B 212 -24.27 -3.34 6.02
C ILE B 212 -24.42 -1.85 5.72
N HIS B 213 -25.63 -1.46 5.31
CA HIS B 213 -25.92 -0.06 4.98
C HIS B 213 -26.71 0.57 6.08
N VAL B 214 -26.45 1.85 6.34
CA VAL B 214 -27.26 2.66 7.26
C VAL B 214 -27.58 3.98 6.57
N ASN B 215 -28.88 4.31 6.47
CA ASN B 215 -29.33 5.46 5.67
C ASN B 215 -28.89 5.33 4.21
N ASN B 216 -28.89 4.10 3.69
CA ASN B 216 -28.50 3.83 2.29
C ASN B 216 -27.07 4.21 1.95
N ILE B 217 -26.23 4.31 2.97
CA ILE B 217 -24.80 4.50 2.80
C ILE B 217 -24.10 3.32 3.47
N LEU B 218 -23.13 2.74 2.76
CA LEU B 218 -22.35 1.64 3.31
C LEU B 218 -21.74 2.02 4.65
N HIS B 219 -21.96 1.17 5.63
CA HIS B 219 -21.37 1.34 6.96
C HIS B 219 -20.24 0.38 7.13
N GLU B 220 -20.53 -0.91 6.99
CA GLU B 220 -19.51 -1.95 7.17
C GLU B 220 -19.47 -2.96 6.03
N SER B 221 -18.24 -3.39 5.69
CA SER B 221 -18.03 -4.57 4.87
C SER B 221 -17.34 -5.63 5.74
N ILE B 222 -17.83 -6.86 5.65
CA ILE B 222 -17.38 -7.96 6.51
C ILE B 222 -16.88 -9.10 5.63
N VAL B 223 -15.60 -9.48 5.81
CA VAL B 223 -14.99 -10.54 5.00
C VAL B 223 -14.20 -11.51 5.89
N PRO B 224 -14.48 -12.83 5.80
CA PRO B 224 -15.45 -13.46 4.90
C PRO B 224 -16.89 -13.13 5.27
N ALA B 225 -17.74 -12.96 4.25
CA ALA B 225 -19.19 -12.82 4.46
C ALA B 225 -19.70 -13.99 5.28
N ARG B 226 -20.54 -13.71 6.27
CA ARG B 226 -21.05 -14.75 7.16
C ARG B 226 -22.20 -15.50 6.48
N ILE B 227 -21.85 -16.28 5.47
CA ILE B 227 -22.82 -17.02 4.63
C ILE B 227 -22.30 -18.43 4.39
N THR B 228 -23.20 -19.32 3.96
CA THR B 228 -22.84 -20.69 3.63
C THR B 228 -21.89 -20.72 2.43
N GLU B 229 -21.04 -21.74 2.41
CA GLU B 229 -20.13 -21.98 1.29
C GLU B 229 -20.87 -22.05 -0.05
N GLU B 230 -22.10 -22.55 -0.01
CA GLU B 230 -22.96 -22.69 -1.19
C GLU B 230 -23.38 -21.33 -1.77
N LEU B 231 -23.83 -20.40 -0.91
CA LEU B 231 -24.12 -19.03 -1.36
C LEU B 231 -22.87 -18.33 -1.90
N SER B 232 -21.75 -18.51 -1.20
CA SER B 232 -20.47 -17.95 -1.63
C SER B 232 -20.10 -18.40 -3.03
N GLN B 233 -20.19 -19.71 -3.28
CA GLN B 233 -19.90 -20.27 -4.61
C GLN B 233 -20.86 -19.74 -5.67
N LYS B 234 -22.12 -19.55 -5.28
CA LYS B 234 -23.13 -19.02 -6.18
C LYS B 234 -22.79 -17.58 -6.57
N ALA B 235 -22.56 -16.73 -5.56
CA ALA B 235 -22.19 -15.34 -5.78
C ALA B 235 -21.00 -15.19 -6.73
N ILE B 236 -19.94 -15.97 -6.49
CA ILE B 236 -18.74 -15.97 -7.35
C ILE B 236 -19.06 -16.40 -8.79
N ALA B 237 -19.85 -17.46 -8.97
CA ALA B 237 -20.26 -17.91 -10.30
C ALA B 237 -21.05 -16.83 -11.03
N TYR B 238 -21.94 -16.14 -10.32
CA TYR B 238 -22.70 -15.02 -10.88
C TYR B 238 -21.76 -13.92 -11.39
N ALA B 239 -20.75 -13.58 -10.59
CA ALA B 239 -19.78 -12.54 -10.99
C ALA B 239 -18.99 -12.91 -12.24
N LYS B 240 -18.61 -14.17 -12.37
CA LYS B 240 -17.90 -14.65 -13.57
C LYS B 240 -18.78 -14.60 -14.82
N VAL B 241 -20.06 -14.95 -14.66
CA VAL B 241 -21.02 -14.89 -15.76
C VAL B 241 -21.14 -13.45 -16.28
N LEU B 242 -21.33 -12.51 -15.37
CA LEU B 242 -21.45 -11.09 -15.71
C LEU B 242 -20.19 -10.52 -16.38
N ALA B 243 -19.02 -10.80 -15.80
CA ALA B 243 -17.74 -10.38 -16.38
C ALA B 243 -17.60 -10.81 -17.84
N ASP B 244 -18.08 -12.02 -18.12
CA ASP B 244 -17.97 -12.58 -19.47
C ASP B 244 -19.04 -12.02 -20.42
N GLU B 245 -20.28 -11.97 -19.95
CA GLU B 245 -21.39 -11.50 -20.80
C GLU B 245 -21.33 -10.01 -21.11
N LEU B 246 -20.86 -9.22 -20.15
CA LEU B 246 -20.68 -7.78 -20.37
C LEU B 246 -19.33 -7.46 -21.00
N GLU B 247 -18.56 -8.52 -21.30
CA GLU B 247 -17.22 -8.40 -21.89
C GLU B 247 -16.35 -7.42 -21.10
N LEU B 248 -16.31 -7.64 -19.78
CA LEU B 248 -15.61 -6.75 -18.86
C LEU B 248 -14.12 -6.63 -19.15
N VAL B 249 -13.65 -5.39 -19.18
CA VAL B 249 -12.23 -5.10 -19.05
C VAL B 249 -12.12 -4.12 -17.89
N GLY B 250 -11.35 -4.48 -16.86
CA GLY B 250 -11.21 -3.64 -15.67
C GLY B 250 -11.91 -4.23 -14.47
N THR B 251 -12.58 -3.38 -13.69
CA THR B 251 -13.22 -3.80 -12.44
C THR B 251 -14.73 -3.74 -12.54
N LEU B 252 -15.39 -4.76 -11.98
CA LEU B 252 -16.84 -4.76 -11.83
C LEU B 252 -17.23 -5.17 -10.42
N ALA B 253 -17.93 -4.27 -9.74
CA ALA B 253 -18.54 -4.55 -8.45
C ALA B 253 -19.97 -5.00 -8.70
N VAL B 254 -20.36 -6.09 -8.05
CA VAL B 254 -21.71 -6.64 -8.16
C VAL B 254 -22.34 -6.73 -6.78
N GLU B 255 -23.34 -5.88 -6.53
CA GLU B 255 -24.08 -5.91 -5.28
C GLU B 255 -25.26 -6.89 -5.40
N MET B 256 -25.44 -7.69 -4.36
CA MET B 256 -26.40 -8.79 -4.39
C MET B 256 -27.25 -8.83 -3.14
N PHE B 257 -28.45 -9.38 -3.27
CA PHE B 257 -29.32 -9.63 -2.13
C PHE B 257 -29.39 -11.14 -1.93
N ALA B 258 -29.27 -11.58 -0.68
CA ALA B 258 -29.35 -13.01 -0.36
C ALA B 258 -30.51 -13.28 0.58
N THR B 259 -31.45 -14.10 0.12
CA THR B 259 -32.66 -14.43 0.90
C THR B 259 -32.50 -15.74 1.66
N ALA B 260 -33.37 -15.94 2.65
CA ALA B 260 -33.32 -17.12 3.54
C ALA B 260 -33.28 -18.47 2.81
N ASP B 261 -33.98 -18.55 1.68
CA ASP B 261 -34.02 -19.79 0.88
C ASP B 261 -32.73 -20.05 0.07
N GLY B 262 -31.78 -19.13 0.14
CA GLY B 262 -30.49 -19.29 -0.57
C GLY B 262 -30.47 -18.76 -1.99
N GLU B 263 -31.38 -17.84 -2.28
CA GLU B 263 -31.46 -17.23 -3.62
C GLU B 263 -30.71 -15.89 -3.65
N ILE B 264 -30.15 -15.57 -4.82
CA ILE B 264 -29.44 -14.31 -5.02
C ILE B 264 -30.08 -13.46 -6.12
N TYR B 265 -30.46 -12.23 -5.76
CA TYR B 265 -30.90 -11.21 -6.71
C TYR B 265 -29.79 -10.18 -6.89
N ILE B 266 -29.44 -9.90 -8.13
CA ILE B 266 -28.49 -8.85 -8.44
C ILE B 266 -29.17 -7.50 -8.25
N ASN B 267 -28.59 -6.67 -7.39
CA ASN B 267 -29.11 -5.33 -7.09
C ASN B 267 -28.61 -4.25 -8.04
N GLU B 268 -27.29 -4.13 -8.18
CA GLU B 268 -26.70 -3.17 -9.12
C GLU B 268 -25.25 -3.53 -9.44
N LEU B 269 -24.78 -2.98 -10.56
CA LEU B 269 -23.41 -3.18 -11.02
C LEU B 269 -22.66 -1.86 -11.01
N ALA B 270 -21.37 -1.90 -10.75
CA ALA B 270 -20.52 -0.72 -10.80
C ALA B 270 -19.22 -1.05 -11.51
N PRO B 271 -18.99 -0.45 -12.70
CA PRO B 271 -17.81 -0.71 -13.50
C PRO B 271 -16.59 0.08 -13.02
N ARG B 272 -16.24 -0.11 -11.75
CA ARG B 272 -15.14 0.61 -11.11
C ARG B 272 -14.80 -0.08 -9.79
N PRO B 273 -13.61 0.20 -9.23
CA PRO B 273 -13.40 -0.14 -7.82
C PRO B 273 -14.55 0.42 -6.99
N HIS B 274 -14.94 -0.31 -5.95
CA HIS B 274 -16.16 -0.02 -5.19
C HIS B 274 -15.86 0.11 -3.73
N ASN B 275 -16.66 0.92 -3.03
CA ASN B 275 -16.57 1.09 -1.58
C ASN B 275 -16.49 -0.25 -0.83
N SER B 276 -17.30 -1.23 -1.26
CA SER B 276 -17.30 -2.55 -0.61
C SER B 276 -16.03 -3.37 -0.90
N GLY B 277 -15.13 -2.83 -1.72
CA GLY B 277 -13.86 -3.47 -2.00
C GLY B 277 -12.65 -2.87 -1.29
N HIS B 278 -12.87 -1.89 -0.41
CA HIS B 278 -11.74 -1.23 0.29
C HIS B 278 -11.01 -2.12 1.25
N TYR B 279 -11.70 -3.16 1.73
CA TYR B 279 -11.08 -4.14 2.63
C TYR B 279 -9.84 -4.76 1.99
N THR B 280 -9.82 -4.84 0.67
CA THR B 280 -8.74 -5.50 -0.08
C THR B 280 -7.36 -4.84 0.09
N GLN B 281 -7.34 -3.56 0.46
CA GLN B 281 -6.09 -2.81 0.67
C GLN B 281 -5.22 -3.42 1.77
N ASP B 282 -5.87 -4.00 2.76
CA ASP B 282 -5.18 -4.48 3.95
C ASP B 282 -5.31 -5.98 4.20
N ALA B 283 -6.34 -6.60 3.62
CA ALA B 283 -6.69 -7.98 3.96
C ALA B 283 -6.44 -9.00 2.85
N CYS B 284 -6.27 -8.52 1.63
CA CYS B 284 -6.03 -9.40 0.49
C CYS B 284 -4.61 -9.27 -0.04
N GLU B 285 -4.20 -10.31 -0.77
CA GLU B 285 -2.88 -10.36 -1.37
C GLU B 285 -2.66 -9.22 -2.38
N THR B 286 -3.72 -8.84 -3.08
CA THR B 286 -3.72 -7.69 -3.98
C THR B 286 -4.94 -6.84 -3.65
N SER B 287 -4.80 -5.52 -3.74
CA SER B 287 -5.95 -4.64 -3.54
C SER B 287 -6.72 -4.51 -4.85
N GLN B 288 -7.99 -4.10 -4.75
CA GLN B 288 -8.82 -3.87 -5.94
C GLN B 288 -8.20 -2.77 -6.83
N PHE B 289 -7.45 -1.85 -6.21
CA PHE B 289 -6.82 -0.74 -6.95
C PHE B 289 -5.60 -1.18 -7.74
N GLY B 290 -4.77 -2.02 -7.13
CA GLY B 290 -3.65 -2.66 -7.82
C GLY B 290 -4.14 -3.57 -8.94
N GLN B 291 -5.22 -4.31 -8.68
CA GLN B 291 -5.83 -5.19 -9.67
C GLN B 291 -6.37 -4.42 -10.87
N HIS B 292 -7.07 -3.31 -10.59
CA HIS B 292 -7.63 -2.45 -11.63
C HIS B 292 -6.57 -1.93 -12.55
N ILE B 293 -5.47 -1.44 -11.98
CA ILE B 293 -4.31 -0.95 -12.76
C ILE B 293 -3.72 -2.08 -13.62
N ARG B 294 -3.55 -3.26 -13.02
CA ARG B 294 -3.03 -4.43 -13.74
C ARG B 294 -3.97 -4.84 -14.88
N ALA B 295 -5.27 -4.77 -14.63
CA ALA B 295 -6.28 -5.17 -15.62
C ALA B 295 -6.20 -4.30 -16.88
N ILE B 296 -6.18 -2.98 -16.71
CA ILE B 296 -6.18 -2.04 -17.83
C ILE B 296 -4.81 -1.89 -18.51
N CYS B 297 -3.74 -2.14 -17.77
CA CYS B 297 -2.41 -2.12 -18.35
C CYS B 297 -2.02 -3.47 -18.93
N ASN B 298 -2.86 -4.47 -18.72
CA ASN B 298 -2.66 -5.85 -19.20
C ASN B 298 -1.43 -6.54 -18.60
N LEU B 299 -1.22 -6.34 -17.30
CA LEU B 299 -0.22 -7.08 -16.55
C LEU B 299 -0.90 -8.30 -15.94
N PRO B 300 -0.13 -9.35 -15.61
CA PRO B 300 -0.75 -10.48 -14.91
C PRO B 300 -1.43 -9.99 -13.64
N LEU B 301 -2.63 -10.50 -13.39
CA LEU B 301 -3.37 -10.10 -12.21
C LEU B 301 -2.73 -10.72 -10.97
N GLY B 302 -2.88 -10.03 -9.83
CA GLY B 302 -2.39 -10.56 -8.57
C GLY B 302 -3.38 -11.54 -8.00
N GLU B 303 -2.97 -12.27 -6.98
CA GLU B 303 -3.86 -13.20 -6.32
C GLU B 303 -4.85 -12.41 -5.45
N THR B 304 -6.03 -13.00 -5.24
CA THR B 304 -7.08 -12.37 -4.46
C THR B 304 -7.35 -13.09 -3.14
N ASN B 305 -6.42 -13.92 -2.69
CA ASN B 305 -6.57 -14.63 -1.42
C ASN B 305 -6.82 -13.67 -0.27
N LEU B 306 -7.77 -14.02 0.60
CA LEU B 306 -7.98 -13.30 1.84
C LEU B 306 -6.94 -13.75 2.85
N LEU B 307 -6.08 -12.82 3.27
CA LEU B 307 -4.95 -13.18 4.11
C LEU B 307 -5.28 -13.10 5.60
N LYS B 308 -6.32 -12.36 5.94
CA LYS B 308 -6.79 -12.21 7.32
C LYS B 308 -8.23 -11.68 7.26
N PRO B 309 -9.10 -12.15 8.17
CA PRO B 309 -10.47 -11.60 8.26
C PRO B 309 -10.49 -10.10 8.57
N VAL B 310 -11.50 -9.41 8.07
CA VAL B 310 -11.50 -7.94 8.10
C VAL B 310 -12.91 -7.34 8.19
N VAL B 311 -13.04 -6.27 8.96
CA VAL B 311 -14.21 -5.41 8.91
C VAL B 311 -13.77 -4.02 8.45
N MET B 312 -14.24 -3.62 7.27
CA MET B 312 -14.09 -2.23 6.82
C MET B 312 -15.22 -1.39 7.37
N VAL B 313 -14.88 -0.26 7.99
CA VAL B 313 -15.89 0.69 8.43
C VAL B 313 -15.68 2.04 7.76
N ASN B 314 -16.74 2.56 7.13
CA ASN B 314 -16.68 3.88 6.50
C ASN B 314 -16.55 5.00 7.51
N ILE B 315 -15.72 5.98 7.16
CA ILE B 315 -15.58 7.20 7.94
C ILE B 315 -16.21 8.33 7.13
N LEU B 316 -17.35 8.81 7.60
CA LEU B 316 -18.05 9.93 6.95
C LEU B 316 -17.67 11.21 7.67
N GLY B 317 -18.11 12.35 7.12
CA GLY B 317 -17.89 13.66 7.73
C GLY B 317 -18.33 13.72 9.18
N GLU B 318 -19.46 13.08 9.49
CA GLU B 318 -19.95 12.97 10.87
C GLU B 318 -19.01 12.20 11.81
N HIS B 319 -18.06 11.46 11.25
CA HIS B 319 -17.18 10.58 12.02
C HIS B 319 -15.76 11.10 12.18
N ILE B 320 -15.35 12.03 11.31
CA ILE B 320 -13.93 12.45 11.24
C ILE B 320 -13.39 13.00 12.56
N GLU B 321 -14.16 13.86 13.22
CA GLU B 321 -13.76 14.41 14.53
C GLU B 321 -13.51 13.28 15.53
N GLY B 322 -14.45 12.34 15.62
CA GLY B 322 -14.32 11.15 16.46
C GLY B 322 -13.11 10.28 16.16
N VAL B 323 -12.82 10.07 14.88
CA VAL B 323 -11.64 9.28 14.47
C VAL B 323 -10.34 9.93 14.96
N LEU B 324 -10.18 11.22 14.70
CA LEU B 324 -8.96 11.96 15.07
C LEU B 324 -8.78 12.03 16.58
N ARG B 325 -9.88 12.23 17.31
CA ARG B 325 -9.85 12.26 18.76
C ARG B 325 -9.55 10.88 19.37
N GLN B 326 -10.04 9.82 18.73
CA GLN B 326 -9.87 8.46 19.23
C GLN B 326 -8.72 7.72 18.56
N VAL B 327 -7.82 8.49 17.93
CA VAL B 327 -6.75 7.95 17.11
C VAL B 327 -5.84 6.99 17.90
N ASN B 328 -5.63 7.29 19.19
CA ASN B 328 -4.83 6.45 20.07
C ASN B 328 -5.45 5.07 20.36
N ARG B 329 -6.73 4.91 20.04
CA ARG B 329 -7.42 3.64 20.34
C ARG B 329 -7.50 2.70 19.14
N LEU B 330 -6.87 3.09 18.04
CA LEU B 330 -6.99 2.35 16.77
C LEU B 330 -6.00 1.20 16.58
N THR B 331 -5.70 0.47 17.64
CA THR B 331 -4.92 -0.77 17.54
C THR B 331 -5.69 -1.80 16.71
N GLY B 332 -4.99 -2.52 15.85
CA GLY B 332 -5.62 -3.49 14.93
C GLY B 332 -6.43 -2.87 13.79
N CYS B 333 -6.34 -1.55 13.67
CA CYS B 333 -7.16 -0.79 12.72
C CYS B 333 -6.27 -0.06 11.73
N TYR B 334 -6.57 -0.21 10.45
CA TYR B 334 -5.74 0.35 9.38
C TYR B 334 -6.50 1.48 8.71
N LEU B 335 -6.07 2.70 9.06
CA LEU B 335 -6.77 3.92 8.71
C LEU B 335 -6.37 4.45 7.33
N HIS B 336 -7.38 4.80 6.54
CA HIS B 336 -7.19 5.44 5.25
C HIS B 336 -8.00 6.68 5.23
N LEU B 337 -7.34 7.80 4.94
CA LEU B 337 -8.01 9.10 4.86
C LEU B 337 -7.67 9.75 3.54
N TYR B 338 -8.69 10.29 2.89
CA TYR B 338 -8.59 10.61 1.46
C TYR B 338 -8.10 12.02 1.14
N GLY B 339 -7.87 12.85 2.15
CA GLY B 339 -7.39 14.22 1.93
C GLY B 339 -8.43 15.20 1.44
N LYS B 340 -9.70 14.94 1.70
CA LYS B 340 -10.76 15.89 1.33
C LYS B 340 -10.72 17.13 2.21
N GLU B 341 -10.71 18.30 1.57
CA GLU B 341 -10.54 19.56 2.29
C GLU B 341 -11.80 20.03 3.04
N GLU B 342 -12.96 19.62 2.54
CA GLU B 342 -14.24 20.00 3.13
C GLU B 342 -14.98 18.76 3.64
N ALA B 343 -15.38 18.79 4.90
CA ALA B 343 -16.17 17.72 5.50
C ALA B 343 -17.67 18.04 5.48
N LYS B 344 -18.46 17.09 5.01
CA LYS B 344 -19.92 17.18 5.07
C LYS B 344 -20.45 15.91 5.73
N ALA B 345 -21.53 16.05 6.50
CA ALA B 345 -22.07 14.98 7.36
C ALA B 345 -22.00 13.56 6.78
N GLN B 346 -22.46 13.40 5.54
CA GLN B 346 -22.53 12.08 4.91
C GLN B 346 -21.49 11.87 3.81
N ARG B 347 -20.58 12.82 3.63
CA ARG B 347 -19.50 12.68 2.66
C ARG B 347 -18.47 11.65 3.12
N LYS B 348 -18.02 10.80 2.20
CA LYS B 348 -16.99 9.78 2.52
C LYS B 348 -15.59 10.39 2.66
N MET B 349 -15.07 10.39 3.89
CA MET B 349 -13.79 11.03 4.21
C MET B 349 -12.62 10.03 4.26
N GLY B 350 -12.95 8.78 4.54
CA GLY B 350 -11.94 7.73 4.69
C GLY B 350 -12.62 6.42 5.05
N HIS B 351 -11.79 5.44 5.43
CA HIS B 351 -12.30 4.17 5.97
C HIS B 351 -11.23 3.57 6.82
N VAL B 352 -11.65 2.66 7.68
CA VAL B 352 -10.74 1.91 8.52
C VAL B 352 -10.97 0.41 8.34
N ASN B 353 -9.89 -0.30 8.04
CA ASN B 353 -9.91 -1.75 7.96
C ASN B 353 -9.47 -2.33 9.30
N ILE B 354 -10.39 -3.04 9.95
CA ILE B 354 -10.11 -3.65 11.24
C ILE B 354 -9.79 -5.11 10.99
N LEU B 355 -8.53 -5.47 11.18
CA LEU B 355 -8.05 -6.82 10.93
C LEU B 355 -8.00 -7.63 12.22
N ASN B 356 -8.49 -8.87 12.16
CA ASN B 356 -8.48 -9.76 13.31
C ASN B 356 -8.73 -11.20 12.86
N ASP B 357 -8.18 -12.17 13.58
CA ASP B 357 -8.35 -13.58 13.24
C ASP B 357 -9.81 -13.98 13.41
N ASN B 358 -10.47 -13.34 14.37
CA ASN B 358 -11.87 -13.56 14.65
C ASN B 358 -12.72 -12.37 14.20
N ILE B 359 -13.61 -12.62 13.24
CA ILE B 359 -14.47 -11.59 12.69
C ILE B 359 -15.36 -10.89 13.74
N GLU B 360 -15.79 -11.64 14.75
CA GLU B 360 -16.68 -11.07 15.78
C GLU B 360 -15.94 -10.13 16.72
N VAL B 361 -14.64 -10.38 16.91
CA VAL B 361 -13.80 -9.47 17.71
C VAL B 361 -13.58 -8.14 16.97
N ALA B 362 -13.40 -8.23 15.65
CA ALA B 362 -13.31 -7.03 14.79
C ALA B 362 -14.60 -6.21 14.86
N LEU B 363 -15.74 -6.87 14.74
CA LEU B 363 -17.04 -6.18 14.86
C LEU B 363 -17.21 -5.51 16.22
N GLU B 364 -16.74 -6.18 17.27
CA GLU B 364 -16.79 -5.63 18.62
C GLU B 364 -15.84 -4.44 18.80
N LYS B 365 -14.70 -4.48 18.10
CA LYS B 365 -13.77 -3.35 18.12
C LYS B 365 -14.44 -2.06 17.58
N ALA B 366 -15.14 -2.17 16.46
CA ALA B 366 -15.86 -1.04 15.86
C ALA B 366 -16.86 -0.43 16.84
N LYS B 367 -17.58 -1.28 17.57
CA LYS B 367 -18.55 -0.84 18.57
C LYS B 367 -17.88 -0.15 19.76
N SER B 368 -16.84 -0.79 20.30
CA SER B 368 -16.17 -0.29 21.50
C SER B 368 -15.51 1.09 21.30
N LEU B 369 -15.17 1.41 20.06
CA LEU B 369 -14.60 2.72 19.73
C LEU B 369 -15.61 3.85 19.87
N HIS B 370 -16.90 3.53 19.77
CA HIS B 370 -18.02 4.48 19.84
C HIS B 370 -17.99 5.61 18.84
N ILE B 371 -17.18 5.47 17.79
CA ILE B 371 -17.14 6.46 16.70
C ILE B 371 -18.44 6.43 15.88
N TRP B 372 -19.02 5.24 15.74
CA TRP B 372 -20.20 5.06 14.91
C TRP B 372 -21.43 4.75 15.74
N ASP B 373 -21.55 5.42 16.89
CA ASP B 373 -22.73 5.30 17.77
C ASP B 373 -24.03 5.55 17.01
N HIS B 374 -24.03 6.58 16.15
CA HIS B 374 -25.17 6.90 15.30
C HIS B 374 -25.61 5.74 14.46
N GLN B 375 -24.66 5.12 13.76
CA GLN B 375 -24.94 3.94 12.93
C GLN B 375 -25.46 2.75 13.74
N GLU B 376 -24.84 2.48 14.89
CA GLU B 376 -25.22 1.35 15.72
C GLU B 376 -26.59 1.53 16.40
N GLN B 377 -26.94 2.79 16.69
CA GLN B 377 -28.27 3.13 17.22
C GLN B 377 -29.38 2.95 16.18
N LEU B 378 -29.08 3.32 14.93
CA LEU B 378 -30.05 3.14 13.84
C LEU B 378 -30.25 1.69 13.41
N LEU B 379 -29.25 0.84 13.64
CA LEU B 379 -29.31 -0.57 13.25
C LEU B 379 -30.19 -1.44 14.16
N GLU B 380 -30.27 -1.07 15.43
CA GLU B 380 -31.09 -1.81 16.39
C GLU B 380 -32.04 -0.89 17.16
CA CA C . 26.59 -1.08 5.87
CA CA D . 24.27 -3.94 5.50
CA CA E . 24.62 -0.97 0.53
PG ATP F . 26.47 -2.87 2.82
O1G ATP F . 25.93 -2.78 4.23
O2G ATP F . 25.94 -4.08 2.06
O3G ATP F . 26.36 -1.57 2.05
PB ATP F . 29.01 -2.95 4.20
O1B ATP F . 30.41 -3.13 3.72
O2B ATP F . 28.61 -1.75 5.00
O3B ATP F . 28.06 -3.09 2.89
PA ATP F . 29.30 -5.09 6.11
O1A ATP F . 28.25 -5.93 6.79
O2A ATP F . 30.16 -4.17 6.93
O3A ATP F . 28.52 -4.28 4.97
O5' ATP F . 30.26 -6.10 5.32
C5' ATP F . 29.85 -6.68 4.07
C4' ATP F . 29.96 -8.20 4.09
O4' ATP F . 31.25 -8.60 4.57
C3' ATP F . 28.95 -8.85 5.03
O3' ATP F . 27.71 -9.12 4.37
C2' ATP F . 29.65 -10.13 5.47
O2' ATP F . 29.36 -11.18 4.55
C1' ATP F . 31.12 -9.79 5.36
N9 ATP F . 31.62 -9.57 6.72
C8 ATP F . 31.74 -8.37 7.34
N7 ATP F . 32.24 -8.53 8.59
C5 ATP F . 32.45 -9.83 8.80
C6 ATP F . 32.97 -10.67 9.90
N6 ATP F . 33.37 -10.10 11.08
N1 ATP F . 33.03 -12.00 9.70
C2 ATP F . 32.64 -12.58 8.55
N3 ATP F . 32.17 -11.88 7.49
C4 ATP F . 32.04 -10.52 7.56
PG ATP G . 22.16 -3.07 2.63
O1G ATP G . 23.01 -2.12 1.81
O2G ATP G . 21.91 -4.42 1.99
O3G ATP G . 22.54 -3.16 4.09
PB ATP G . 20.40 -0.84 2.63
O1B ATP G . 18.96 -0.55 3.01
O2B ATP G . 21.52 -0.19 3.42
O3B ATP G . 20.66 -2.43 2.62
PA ATP G . 19.73 0.64 0.28
O1A ATP G . 18.28 0.25 0.23
O2A ATP G . 20.51 0.91 -0.99
O3A ATP G . 20.60 -0.47 1.08
O5' ATP G . 19.87 1.91 1.25
C5' ATP G . 19.37 3.18 0.85
C4' ATP G . 20.00 4.14 1.84
O4' ATP G . 21.42 4.16 1.66
C3' ATP G . 19.49 5.56 1.67
O3' ATP G . 19.16 6.00 2.99
C2' ATP G . 20.68 6.33 1.12
O2' ATP G . 20.69 7.68 1.59
C1' ATP G . 21.86 5.52 1.68
N9 ATP G . 23.13 5.69 0.92
C8 ATP G . 23.28 5.86 -0.41
N7 ATP G . 24.59 5.99 -0.75
C5 ATP G . 25.32 5.89 0.39
C6 ATP G . 26.74 5.94 0.75
N6 ATP G . 27.69 6.12 -0.21
N1 ATP G . 27.09 5.80 2.05
C2 ATP G . 26.15 5.62 3.02
N3 ATP G . 24.83 5.57 2.75
C4 ATP G . 24.35 5.70 1.49
PG ATP H . 23.55 6.47 -7.58
O1G ATP H . 24.44 6.43 -6.36
O2G ATP H . 23.96 7.55 -8.55
O3G ATP H . 23.28 5.13 -8.22
PB ATP H . 21.10 6.06 -6.12
O1B ATP H . 19.78 5.94 -6.83
O2B ATP H . 21.83 4.80 -5.73
O3B ATP H . 22.11 6.97 -7.03
PA ATP H . 21.80 7.06 -3.51
O1A ATP H . 23.03 6.20 -3.71
O2A ATP H . 20.97 6.83 -2.27
O3A ATP H . 20.84 6.98 -4.82
O5' ATP H . 22.24 8.61 -3.51
C5' ATP H . 22.94 9.19 -4.61
C4' ATP H . 24.31 9.68 -4.16
O4' ATP H . 24.20 10.48 -2.97
C3' ATP H . 25.26 8.54 -3.81
O3' ATP H . 26.03 8.13 -4.94
C2' ATP H . 26.11 9.09 -2.69
O2' ATP H . 27.30 9.72 -3.20
C1' ATP H . 25.25 10.17 -2.05
N9 ATP H . 24.70 9.68 -0.75
C8 ATP H . 23.43 9.29 -0.52
N7 ATP H . 23.25 8.91 0.78
C5 ATP H . 24.43 9.07 1.41
C6 ATP H . 24.96 8.86 2.79
N6 ATP H . 24.15 8.39 3.78
N1 ATP H . 26.26 9.15 3.02
C2 ATP H . 27.07 9.61 2.05
N3 ATP H . 26.67 9.82 0.77
C4 ATP H . 25.38 9.58 0.40
P PO4 I . 2.81 15.55 -6.40
O1 PO4 I . 2.09 14.33 -5.88
O2 PO4 I . 4.29 15.26 -6.49
O3 PO4 I . 2.33 15.90 -7.79
O4 PO4 I . 2.55 16.72 -5.47
CA CA J . -25.66 0.35 -4.04
CA CA K . -26.02 3.45 -7.56
PG ATP L . -24.90 3.43 -4.38
O1G ATP L . -24.78 4.09 -5.74
O2G ATP L . -24.77 4.41 -3.24
O3G ATP L . -24.06 2.17 -4.23
PB ATP L . -27.75 3.47 -4.78
O1B ATP L . -27.85 4.87 -4.20
O2B ATP L . -27.88 3.25 -6.26
O3B ATP L . -26.38 2.80 -4.24
PA ATP L . -29.22 1.07 -4.23
O1A ATP L . -28.00 0.20 -4.20
O2A ATP L . -30.17 0.99 -5.40
O3A ATP L . -28.87 2.63 -3.99
O5' ATP L . -30.03 0.81 -2.89
C5' ATP L . -29.42 1.14 -1.64
C4' ATP L . -29.82 0.14 -0.57
O4' ATP L . -31.23 0.13 -0.37
C3' ATP L . -29.45 -1.30 -0.91
O3' ATP L . -28.10 -1.60 -0.55
C2' ATP L . -30.45 -2.08 -0.08
O2' ATP L . -30.05 -2.12 1.29
C1' ATP L . -31.70 -1.21 -0.17
N9 ATP L . -32.50 -1.66 -1.35
C8 ATP L . -32.43 -1.15 -2.59
N7 ATP L . -33.28 -1.80 -3.43
C5 ATP L . -33.91 -2.75 -2.71
C6 ATP L . -34.93 -3.78 -2.98
N6 ATP L . -35.46 -3.93 -4.21
N1 ATP L . -35.32 -4.57 -1.96
C2 ATP L . -34.81 -4.43 -0.72
N3 ATP L . -33.88 -3.51 -0.41
C4 ATP L . -33.40 -2.66 -1.33
#